data_3VBE
#
_entry.id   3VBE
#
_cell.length_a   190.323
_cell.length_b   154.580
_cell.length_c   70.800
_cell.angle_alpha   90.00
_cell.angle_beta   101.89
_cell.angle_gamma   90.00
#
_symmetry.space_group_name_H-M   'C 1 2 1'
#
loop_
_entity.id
_entity.type
_entity.pdbx_description
1 polymer 'beta-cyanoalnine synthase'
2 non-polymer "PYRIDOXAL-5'-PHOSPHATE"
3 water water
#
_entity_poly.entity_id   1
_entity_poly.type   'polypeptide(L)'
_entity_poly.pdbx_seq_one_letter_code
;MGSSHHHHHHSSGNLYFQGHASTNIKKHVSQLIGRTPLVYLNKVTEGCGAYVAVKQEMMQPTASIKDRPAYAMITDAEEK
NLITPGKTTLIEPTSGNMGISMAFMAAMKGYKMVLTMPSYTSLERRVTMRAFGAELILTDPAKGMGGTVKKAYELLENTP
NAHMLQQFSNPANTQVHFETTGPEIWEDTNGQVDIFVMGIGSGGTVSGVGQYLKSKNPNVKIYGVEPSESNVLNGGKPGP
HHITGNGVGFKPDILDLDVMEKVLEVSSEDAVNMARVLALKEGLMVGISSGANTVAALRLAQLPENKGKLIVTVHPSFGE
RYLSSVLFQELRQEAENMQPVAVD
;
_entity_poly.pdbx_strand_id   A,B,C,D
#
# COMPACT_ATOMS: atom_id res chain seq x y z
N SER A 22 -22.99 10.31 9.87
CA SER A 22 -22.37 9.86 8.61
C SER A 22 -21.84 8.40 8.65
N THR A 23 -21.47 7.92 9.84
CA THR A 23 -21.06 6.54 10.01
C THR A 23 -21.80 5.91 11.18
N ASN A 24 -21.69 4.59 11.30
CA ASN A 24 -22.19 3.89 12.46
C ASN A 24 -21.13 3.73 13.53
N ILE A 25 -20.12 4.59 13.52
CA ILE A 25 -19.10 4.47 14.56
C ILE A 25 -19.55 5.24 15.80
N LYS A 26 -19.63 4.55 16.94
CA LYS A 26 -20.02 5.20 18.19
C LYS A 26 -18.96 6.21 18.65
N LYS A 27 -19.42 7.35 19.16
CA LYS A 27 -18.51 8.39 19.62
C LYS A 27 -17.90 8.05 20.98
N HIS A 28 -18.61 7.20 21.71
CA HIS A 28 -18.33 6.95 23.12
C HIS A 28 -18.51 5.48 23.47
N VAL A 29 -17.68 4.98 24.38
CA VAL A 29 -17.79 3.60 24.82
C VAL A 29 -19.11 3.34 25.56
N SER A 30 -19.65 4.37 26.21
CA SER A 30 -20.89 4.24 26.94
C SER A 30 -22.08 3.94 26.01
N GLN A 31 -21.92 4.21 24.72
CA GLN A 31 -22.97 3.91 23.75
C GLN A 31 -23.05 2.44 23.40
N LEU A 32 -22.06 1.68 23.83
CA LEU A 32 -22.11 0.23 23.69
C LEU A 32 -23.03 -0.37 24.77
N ILE A 33 -23.42 0.43 25.75
CA ILE A 33 -24.28 -0.06 26.82
C ILE A 33 -25.72 -0.19 26.32
N GLY A 34 -26.42 -1.21 26.83
CA GLY A 34 -27.82 -1.43 26.49
C GLY A 34 -28.05 -2.07 25.14
N ARG A 35 -29.33 -2.27 24.79
CA ARG A 35 -29.74 -2.77 23.48
C ARG A 35 -29.28 -4.21 23.27
N THR A 36 -29.48 -5.03 24.29
CA THR A 36 -28.97 -6.38 24.33
C THR A 36 -30.01 -7.35 23.78
N PRO A 37 -29.55 -8.45 23.21
CA PRO A 37 -30.40 -9.41 22.50
C PRO A 37 -31.26 -10.32 23.41
N LEU A 38 -32.36 -10.86 22.86
CA LEU A 38 -33.12 -11.96 23.46
C LEU A 38 -32.84 -13.24 22.69
N VAL A 39 -32.85 -14.38 23.40
CA VAL A 39 -32.63 -15.67 22.76
C VAL A 39 -33.61 -16.66 23.37
N TYR A 40 -34.16 -17.57 22.54
CA TYR A 40 -34.98 -18.66 23.04
C TYR A 40 -34.08 -19.75 23.60
N LEU A 41 -34.54 -20.41 24.65
CA LEU A 41 -33.91 -21.63 25.12
C LEU A 41 -34.62 -22.79 24.44
N ASN A 42 -33.86 -23.75 23.91
CA ASN A 42 -34.46 -24.85 23.16
C ASN A 42 -34.31 -26.21 23.79
N LYS A 43 -33.16 -26.46 24.39
CA LYS A 43 -32.88 -27.75 25.01
C LYS A 43 -33.46 -27.86 26.41
N VAL A 44 -33.02 -26.98 27.32
CA VAL A 44 -33.49 -27.01 28.70
C VAL A 44 -35.01 -26.85 28.87
N THR A 45 -35.71 -26.46 27.80
CA THR A 45 -37.16 -26.27 27.93
C THR A 45 -38.00 -27.48 27.55
N GLU A 46 -37.38 -28.66 27.42
CA GLU A 46 -38.12 -29.88 27.15
C GLU A 46 -39.26 -30.05 28.14
N GLY A 47 -40.46 -30.33 27.62
CA GLY A 47 -41.61 -30.57 28.47
C GLY A 47 -42.25 -29.31 29.04
N CYS A 48 -42.09 -28.20 28.35
CA CYS A 48 -42.69 -26.95 28.77
C CYS A 48 -43.74 -26.52 27.77
N GLY A 49 -44.89 -26.09 28.28
CA GLY A 49 -45.96 -25.62 27.43
C GLY A 49 -45.70 -24.21 26.97
N ALA A 50 -44.72 -23.57 27.59
CA ALA A 50 -44.45 -22.16 27.31
C ALA A 50 -43.09 -21.95 26.63
N TYR A 51 -42.95 -20.79 26.02
CA TYR A 51 -41.70 -20.39 25.39
C TYR A 51 -40.93 -19.52 26.37
N VAL A 52 -39.66 -19.84 26.58
CA VAL A 52 -38.81 -18.99 27.40
C VAL A 52 -37.70 -18.31 26.59
N ALA A 53 -37.64 -16.99 26.69
CA ALA A 53 -36.56 -16.22 26.06
C ALA A 53 -35.71 -15.48 27.11
N VAL A 54 -34.40 -15.39 26.87
CA VAL A 54 -33.49 -14.79 27.85
C VAL A 54 -32.74 -13.59 27.29
N LYS A 55 -32.70 -12.52 28.08
CA LYS A 55 -32.02 -11.31 27.71
C LYS A 55 -30.56 -11.43 28.12
N GLN A 56 -29.66 -11.25 27.17
CA GLN A 56 -28.25 -11.51 27.38
C GLN A 56 -27.43 -10.25 27.73
N GLU A 57 -27.34 -9.93 29.01
CA GLU A 57 -26.59 -8.77 29.50
C GLU A 57 -25.05 -8.90 29.47
N MET A 58 -24.57 -10.06 29.09
CA MET A 58 -23.17 -10.28 28.90
C MET A 58 -22.67 -9.40 27.76
N MET A 59 -23.54 -8.96 26.89
CA MET A 59 -23.09 -8.11 25.80
C MET A 59 -23.03 -6.65 26.18
N GLN A 60 -22.20 -6.30 27.14
CA GLN A 60 -22.07 -4.94 27.60
C GLN A 60 -20.61 -4.77 27.78
N PRO A 61 -20.12 -3.55 27.80
CA PRO A 61 -18.70 -3.26 28.01
C PRO A 61 -18.11 -3.95 29.24
N THR A 62 -18.90 -4.11 30.30
CA THR A 62 -18.40 -4.76 31.54
C THR A 62 -18.89 -6.19 31.70
N ALA A 63 -19.67 -6.67 30.73
CA ALA A 63 -20.17 -8.05 30.74
C ALA A 63 -21.16 -8.33 31.89
N SER A 64 -21.83 -7.29 32.38
CA SER A 64 -22.92 -7.45 33.35
C SER A 64 -24.00 -6.35 33.30
N ILE A 65 -25.20 -6.70 33.73
CA ILE A 65 -26.34 -5.77 33.77
C ILE A 65 -26.01 -4.44 34.47
N LYS A 66 -25.06 -4.50 35.39
CA LYS A 66 -24.68 -3.34 36.18
C LYS A 66 -24.44 -2.10 35.33
N ASP A 67 -23.76 -2.27 34.19
CA ASP A 67 -23.44 -1.13 33.34
C ASP A 67 -24.60 -0.13 33.19
N ARG A 68 -25.85 -0.61 33.24
CA ARG A 68 -26.98 0.28 33.03
C ARG A 68 -27.17 1.21 34.25
N PRO A 69 -27.40 0.64 35.43
CA PRO A 69 -27.53 1.53 36.62
C PRO A 69 -26.30 2.41 36.87
N ALA A 70 -25.11 1.90 36.63
CA ALA A 70 -23.89 2.66 36.89
C ALA A 70 -23.86 3.92 36.02
N TYR A 71 -24.12 3.74 34.73
CA TYR A 71 -24.18 4.89 33.85
C TYR A 71 -25.28 5.86 34.31
N ALA A 72 -26.43 5.32 34.68
CA ALA A 72 -27.60 6.12 34.94
C ALA A 72 -27.44 6.96 36.20
N MET A 73 -26.87 6.37 37.24
CA MET A 73 -26.66 7.12 38.46
C MET A 73 -25.63 8.26 38.34
N ILE A 74 -24.53 8.00 37.65
CA ILE A 74 -23.48 9.01 37.49
C ILE A 74 -23.95 10.12 36.55
N THR A 75 -24.68 9.74 35.51
CA THR A 75 -25.17 10.66 34.51
C THR A 75 -26.29 11.54 35.06
N ASP A 76 -27.15 10.95 35.88
CA ASP A 76 -28.23 11.69 36.51
C ASP A 76 -27.66 12.73 37.45
N ALA A 77 -26.59 12.38 38.15
CA ALA A 77 -25.99 13.28 39.12
C ALA A 77 -25.29 14.44 38.42
N GLU A 78 -24.78 14.18 37.20
CA GLU A 78 -24.17 15.22 36.38
C GLU A 78 -25.20 16.21 35.85
N GLU A 79 -26.34 15.69 35.42
CA GLU A 79 -27.38 16.54 34.83
C GLU A 79 -28.02 17.47 35.87
N LYS A 80 -28.11 16.96 37.10
CA LYS A 80 -28.62 17.72 38.23
C LYS A 80 -27.56 18.63 38.79
N ASN A 81 -26.38 18.68 38.15
CA ASN A 81 -25.32 19.57 38.63
C ASN A 81 -24.87 19.29 40.05
N LEU A 82 -24.54 18.04 40.37
CA LEU A 82 -24.07 17.67 41.70
C LEU A 82 -22.59 17.33 41.71
N ILE A 83 -22.11 16.80 40.60
CA ILE A 83 -20.75 16.29 40.54
C ILE A 83 -20.01 16.84 39.33
N THR A 84 -18.72 17.03 39.45
CA THR A 84 -17.90 17.52 38.38
C THR A 84 -16.71 16.64 38.20
N PRO A 85 -16.39 16.27 37.00
CA PRO A 85 -15.22 15.46 36.78
C PRO A 85 -13.94 16.19 37.11
N GLY A 86 -13.04 15.55 37.81
CA GLY A 86 -11.79 16.12 38.18
C GLY A 86 -11.90 16.93 39.43
N LYS A 87 -13.08 17.03 39.96
CA LYS A 87 -13.24 17.75 41.17
C LYS A 87 -14.04 17.08 42.25
N THR A 88 -14.86 16.14 41.86
CA THR A 88 -15.72 15.44 42.78
C THR A 88 -15.11 14.07 43.04
N THR A 89 -15.11 13.67 44.30
CA THR A 89 -14.73 12.30 44.64
C THR A 89 -15.98 11.45 44.83
N LEU A 90 -16.16 10.44 43.99
CA LEU A 90 -17.33 9.58 44.14
C LEU A 90 -16.98 8.47 45.13
N ILE A 91 -17.92 8.20 46.03
CA ILE A 91 -17.69 7.22 47.07
C ILE A 91 -18.83 6.22 47.10
N GLU A 92 -18.53 4.94 47.23
CA GLU A 92 -19.59 3.93 47.34
C GLU A 92 -19.14 2.68 48.06
N PRO A 93 -19.92 2.26 49.07
CA PRO A 93 -19.67 0.96 49.70
C PRO A 93 -20.28 -0.16 48.84
N THR A 94 -19.50 -0.69 47.93
CA THR A 94 -19.94 -1.74 47.05
C THR A 94 -18.78 -2.55 46.55
N SER A 95 -19.07 -3.72 46.04
CA SER A 95 -18.09 -4.56 45.40
C SER A 95 -18.92 -5.37 44.43
N GLY A 96 -18.33 -6.37 43.83
CA GLY A 96 -19.04 -7.31 43.01
C GLY A 96 -19.89 -6.92 41.83
N ASN A 97 -19.36 -6.37 40.78
CA ASN A 97 -20.21 -6.09 39.62
C ASN A 97 -21.14 -4.98 39.73
N MET A 98 -21.08 -4.20 40.76
CA MET A 98 -21.69 -2.93 40.70
C MET A 98 -20.42 -2.12 40.88
N GLY A 99 -19.50 -2.61 41.67
CA GLY A 99 -18.24 -1.97 41.86
C GLY A 99 -17.42 -1.92 40.61
N ILE A 100 -17.43 -3.00 39.85
CA ILE A 100 -16.77 -3.02 38.58
C ILE A 100 -17.37 -2.07 37.59
N SER A 101 -18.67 -2.04 37.50
CA SER A 101 -19.30 -1.08 36.61
C SER A 101 -19.09 0.38 37.01
N MET A 102 -19.18 0.69 38.30
CA MET A 102 -18.92 2.04 38.78
C MET A 102 -17.48 2.46 38.50
N ALA A 103 -16.55 1.56 38.69
CA ALA A 103 -15.15 1.87 38.45
C ALA A 103 -14.98 2.20 36.97
N PHE A 104 -15.63 1.39 36.14
CA PHE A 104 -15.63 1.53 34.71
C PHE A 104 -16.16 2.90 34.32
N MET A 105 -17.34 3.28 34.82
CA MET A 105 -17.89 4.61 34.51
C MET A 105 -17.02 5.76 34.99
N ALA A 106 -16.48 5.62 36.20
CA ALA A 106 -15.58 6.62 36.75
C ALA A 106 -14.37 6.82 35.85
N ALA A 107 -13.85 5.72 35.30
CA ALA A 107 -12.71 5.79 34.37
C ALA A 107 -13.04 6.57 33.09
N MET A 108 -14.14 6.21 32.42
CA MET A 108 -14.58 6.86 31.19
C MET A 108 -14.83 8.36 31.35
N LYS A 109 -15.49 8.75 32.42
CA LYS A 109 -15.86 10.14 32.63
C LYS A 109 -14.84 10.92 33.45
N GLY A 110 -13.81 10.24 33.95
CA GLY A 110 -12.76 10.94 34.67
C GLY A 110 -13.14 11.43 36.05
N TYR A 111 -13.76 10.57 36.86
CA TYR A 111 -13.96 10.87 38.28
C TYR A 111 -13.04 10.03 39.14
N LYS A 112 -12.60 10.61 40.25
CA LYS A 112 -12.00 9.78 41.28
C LYS A 112 -13.10 8.95 41.94
N MET A 113 -12.89 7.63 41.97
CA MET A 113 -13.86 6.67 42.48
C MET A 113 -13.24 5.97 43.69
N VAL A 114 -13.85 6.12 44.86
CA VAL A 114 -13.41 5.40 46.06
C VAL A 114 -14.44 4.35 46.46
N LEU A 115 -14.02 3.09 46.54
CA LEU A 115 -14.94 2.01 46.83
C LEU A 115 -14.54 1.39 48.16
N THR A 116 -15.49 1.26 49.09
CA THR A 116 -15.19 0.59 50.36
C THR A 116 -15.76 -0.81 50.32
N MET A 117 -15.01 -1.78 50.85
CA MET A 117 -15.48 -3.17 50.93
C MET A 117 -14.79 -3.93 52.05
N PRO A 118 -15.41 -5.02 52.50
CA PRO A 118 -14.74 -5.84 53.52
C PRO A 118 -13.51 -6.52 52.93
N SER A 119 -12.48 -6.72 53.74
CA SER A 119 -11.23 -7.27 53.25
C SER A 119 -11.39 -8.71 52.76
N TYR A 120 -12.46 -9.39 53.17
CA TYR A 120 -12.70 -10.75 52.67
C TYR A 120 -13.32 -10.78 51.28
N THR A 121 -13.46 -9.61 50.67
CA THR A 121 -13.97 -9.52 49.32
C THR A 121 -13.06 -10.25 48.33
N SER A 122 -13.69 -10.83 47.30
CA SER A 122 -12.98 -11.56 46.25
C SER A 122 -11.76 -10.82 45.67
N LEU A 123 -10.61 -11.48 45.65
CA LEU A 123 -9.41 -10.90 45.06
C LEU A 123 -9.58 -10.60 43.55
N GLU A 124 -10.28 -11.48 42.84
CA GLU A 124 -10.52 -11.24 41.40
C GLU A 124 -11.35 -9.98 41.13
N ARG A 125 -12.40 -9.73 41.90
CA ARG A 125 -13.13 -8.47 41.78
C ARG A 125 -12.27 -7.25 42.10
N ARG A 126 -11.49 -7.33 43.17
CA ARG A 126 -10.67 -6.19 43.56
C ARG A 126 -9.65 -5.79 42.48
N VAL A 127 -8.96 -6.78 41.91
CA VAL A 127 -8.02 -6.56 40.81
C VAL A 127 -8.71 -5.93 39.59
N THR A 128 -9.88 -6.46 39.24
CA THR A 128 -10.67 -5.92 38.15
C THR A 128 -11.07 -4.44 38.37
N MET A 129 -11.54 -4.10 39.57
CA MET A 129 -11.91 -2.71 39.85
C MET A 129 -10.68 -1.79 39.82
N ARG A 130 -9.54 -2.31 40.26
CA ARG A 130 -8.33 -1.51 40.20
C ARG A 130 -7.87 -1.29 38.77
N ALA A 131 -8.05 -2.29 37.91
CA ALA A 131 -7.67 -2.12 36.52
C ALA A 131 -8.32 -0.88 35.92
N PHE A 132 -9.48 -0.47 36.43
CA PHE A 132 -10.12 0.77 35.97
C PHE A 132 -9.71 2.01 36.76
N GLY A 133 -8.88 1.84 37.79
CA GLY A 133 -8.37 2.99 38.53
C GLY A 133 -9.11 3.37 39.80
N ALA A 134 -10.18 2.65 40.14
CA ALA A 134 -10.84 2.89 41.43
C ALA A 134 -9.86 2.70 42.57
N GLU A 135 -9.92 3.57 43.57
CA GLU A 135 -9.21 3.33 44.82
C GLU A 135 -10.05 2.45 45.74
N LEU A 136 -9.46 1.38 46.25
CA LEU A 136 -10.13 0.45 47.14
C LEU A 136 -9.71 0.69 48.57
N ILE A 137 -10.70 0.70 49.45
CA ILE A 137 -10.42 0.72 50.86
C ILE A 137 -11.06 -0.52 51.45
N LEU A 138 -10.22 -1.39 51.99
CA LEU A 138 -10.71 -2.61 52.62
C LEU A 138 -10.89 -2.35 54.11
N THR A 139 -12.09 -2.58 54.59
CA THR A 139 -12.40 -2.42 55.98
C THR A 139 -12.24 -3.67 56.79
N ASP A 140 -12.17 -3.51 58.10
CA ASP A 140 -11.97 -4.60 59.02
C ASP A 140 -13.01 -5.65 58.78
N PRO A 141 -12.57 -6.88 58.69
CA PRO A 141 -13.39 -8.04 58.38
C PRO A 141 -14.38 -8.32 59.45
N ALA A 142 -13.96 -8.02 60.64
CA ALA A 142 -14.77 -8.36 61.81
C ALA A 142 -16.01 -7.48 61.88
N LYS A 143 -16.07 -6.45 61.05
CA LYS A 143 -17.21 -5.53 61.13
C LYS A 143 -18.10 -5.67 59.92
N GLY A 144 -17.76 -6.59 59.02
CA GLY A 144 -18.60 -6.90 57.88
C GLY A 144 -19.04 -5.72 57.04
N MET A 145 -20.28 -5.79 56.53
CA MET A 145 -20.83 -4.74 55.70
C MET A 145 -21.06 -3.45 56.49
N GLY A 146 -21.60 -3.57 57.69
CA GLY A 146 -21.85 -2.40 58.52
C GLY A 146 -20.59 -1.59 58.64
N GLY A 147 -19.45 -2.28 58.66
CA GLY A 147 -18.17 -1.62 58.66
C GLY A 147 -17.89 -0.78 57.41
N THR A 148 -18.14 -1.32 56.22
CA THR A 148 -17.86 -0.56 55.01
C THR A 148 -18.82 0.59 54.81
N VAL A 149 -20.04 0.46 55.30
CA VAL A 149 -21.02 1.53 55.12
C VAL A 149 -20.64 2.71 56.01
N LYS A 150 -20.29 2.40 57.26
CA LYS A 150 -19.79 3.41 58.19
C LYS A 150 -18.54 4.09 57.64
N LYS A 151 -17.60 3.29 57.13
CA LYS A 151 -16.38 3.82 56.57
C LYS A 151 -16.68 4.79 55.43
N ALA A 152 -17.58 4.38 54.54
CA ALA A 152 -17.92 5.21 53.41
C ALA A 152 -18.57 6.52 53.90
N TYR A 153 -19.42 6.46 54.92
CA TYR A 153 -20.03 7.70 55.44
C TYR A 153 -19.02 8.60 56.12
N GLU A 154 -18.06 8.03 56.84
CA GLU A 154 -16.98 8.80 57.42
C GLU A 154 -16.17 9.55 56.34
N LEU A 155 -15.82 8.86 55.26
CA LEU A 155 -15.11 9.47 54.13
C LEU A 155 -15.92 10.54 53.40
N LEU A 156 -17.23 10.33 53.30
CA LEU A 156 -18.07 11.32 52.67
C LEU A 156 -18.03 12.61 53.47
N GLU A 157 -18.09 12.49 54.79
CA GLU A 157 -18.06 13.65 55.66
C GLU A 157 -16.68 14.32 55.75
N ASN A 158 -15.60 13.56 55.59
CA ASN A 158 -14.28 14.18 55.71
C ASN A 158 -13.60 14.50 54.38
N THR A 159 -14.30 14.30 53.27
CA THR A 159 -13.71 14.62 51.97
C THR A 159 -14.44 15.80 51.30
N PRO A 160 -13.70 16.92 51.12
CA PRO A 160 -14.16 18.22 50.63
C PRO A 160 -15.18 18.24 49.45
N ASN A 161 -14.94 17.54 48.35
CA ASN A 161 -15.96 17.57 47.27
C ASN A 161 -16.42 16.16 46.89
N ALA A 162 -17.12 15.51 47.80
CA ALA A 162 -17.41 14.10 47.68
C ALA A 162 -18.89 13.87 47.50
N HIS A 163 -19.22 12.76 46.85
CA HIS A 163 -20.62 12.43 46.65
C HIS A 163 -20.78 10.92 46.63
N MET A 164 -21.83 10.44 47.30
CA MET A 164 -22.14 9.01 47.37
C MET A 164 -23.35 8.70 46.49
N LEU A 165 -23.25 7.70 45.64
CA LEU A 165 -24.35 7.28 44.76
C LEU A 165 -25.57 6.61 45.40
N GLN A 166 -25.34 5.78 46.40
CA GLN A 166 -26.41 5.08 47.08
C GLN A 166 -27.32 4.18 46.28
N GLN A 167 -26.75 3.20 45.64
CA GLN A 167 -27.48 2.32 44.78
C GLN A 167 -28.79 1.73 45.30
N PHE A 168 -28.93 1.53 46.59
CA PHE A 168 -30.15 0.93 47.13
C PHE A 168 -31.29 1.93 47.30
N SER A 169 -31.00 3.21 47.21
CA SER A 169 -32.08 4.22 47.29
C SER A 169 -32.07 5.29 46.20
N ASN A 170 -31.23 5.15 45.18
CA ASN A 170 -31.15 6.13 44.10
C ASN A 170 -32.11 5.74 43.01
N PRO A 171 -33.17 6.50 42.83
CA PRO A 171 -34.25 6.14 41.90
C PRO A 171 -33.80 6.11 40.45
N ALA A 172 -32.63 6.66 40.17
CA ALA A 172 -32.09 6.62 38.80
C ALA A 172 -31.72 5.18 38.46
N ASN A 173 -31.58 4.35 39.48
CA ASN A 173 -31.35 2.93 39.33
C ASN A 173 -32.58 2.24 38.74
N THR A 174 -33.74 2.49 39.32
CA THR A 174 -35.01 1.97 38.80
C THR A 174 -35.35 2.58 37.44
N GLN A 175 -35.15 3.88 37.31
CA GLN A 175 -35.46 4.60 36.10
C GLN A 175 -34.73 4.07 34.85
N VAL A 176 -33.47 3.69 34.96
CA VAL A 176 -32.74 3.22 33.78
C VAL A 176 -33.39 1.98 33.19
N HIS A 177 -33.92 1.11 34.05
CA HIS A 177 -34.58 -0.11 33.56
C HIS A 177 -35.98 0.20 32.99
N PHE A 178 -36.61 1.23 33.54
CA PHE A 178 -37.89 1.71 33.03
C PHE A 178 -37.75 2.28 31.60
N GLU A 179 -36.63 2.93 31.31
CA GLU A 179 -36.43 3.62 30.05
C GLU A 179 -35.63 2.84 29.00
N THR A 180 -34.87 1.83 29.42
CA THR A 180 -34.06 1.06 28.47
C THR A 180 -34.20 -0.47 28.47
N THR A 181 -34.31 -1.05 29.66
CA THR A 181 -34.34 -2.50 29.78
C THR A 181 -35.75 -2.95 29.38
N GLY A 182 -36.77 -2.32 29.93
CA GLY A 182 -38.16 -2.68 29.66
C GLY A 182 -38.61 -2.39 28.24
N PRO A 183 -38.43 -1.14 27.78
CA PRO A 183 -38.71 -0.89 26.38
C PRO A 183 -37.99 -1.85 25.41
N GLU A 184 -36.75 -2.24 25.69
CA GLU A 184 -36.07 -3.20 24.81
C GLU A 184 -36.80 -4.53 24.80
N ILE A 185 -37.29 -4.95 25.97
CA ILE A 185 -38.01 -6.21 26.07
C ILE A 185 -39.39 -6.15 25.37
N TRP A 186 -40.09 -5.04 25.53
CA TRP A 186 -41.37 -4.85 24.84
C TRP A 186 -41.23 -4.82 23.32
N GLU A 187 -40.24 -4.10 22.80
CA GLU A 187 -40.01 -4.03 21.36
C GLU A 187 -39.60 -5.37 20.76
N ASP A 188 -38.60 -6.01 21.35
CA ASP A 188 -38.05 -7.25 20.81
C ASP A 188 -39.06 -8.42 20.79
N THR A 189 -40.03 -8.43 21.71
CA THR A 189 -41.07 -9.48 21.74
C THR A 189 -42.35 -9.06 21.01
N ASN A 190 -42.28 -7.91 20.33
CA ASN A 190 -43.43 -7.36 19.63
C ASN A 190 -44.68 -7.35 20.51
N GLY A 191 -44.50 -6.96 21.77
CA GLY A 191 -45.64 -6.79 22.66
C GLY A 191 -46.21 -8.10 23.17
N GLN A 192 -45.52 -9.21 22.88
CA GLN A 192 -46.07 -10.52 23.23
C GLN A 192 -45.69 -11.07 24.62
N VAL A 193 -44.78 -10.42 25.32
CA VAL A 193 -44.34 -10.93 26.62
C VAL A 193 -45.53 -11.06 27.61
N ASP A 194 -45.72 -12.26 28.15
CA ASP A 194 -46.81 -12.49 29.10
C ASP A 194 -46.29 -12.40 30.53
N ILE A 195 -45.06 -12.83 30.73
CA ILE A 195 -44.48 -12.95 32.06
C ILE A 195 -43.01 -12.56 32.08
N PHE A 196 -42.61 -11.76 33.07
CA PHE A 196 -41.22 -11.40 33.23
C PHE A 196 -40.70 -11.88 34.58
N VAL A 197 -39.60 -12.61 34.57
CA VAL A 197 -38.96 -13.11 35.80
C VAL A 197 -37.57 -12.51 36.01
N MET A 198 -37.24 -12.12 37.23
CA MET A 198 -35.90 -11.58 37.48
C MET A 198 -35.49 -11.61 38.94
N GLY A 199 -34.25 -11.99 39.20
CA GLY A 199 -33.70 -11.92 40.55
C GLY A 199 -33.64 -10.51 41.12
N ILE A 200 -33.82 -10.40 42.43
CA ILE A 200 -33.73 -9.11 43.09
C ILE A 200 -32.36 -8.89 43.76
N GLY A 201 -31.67 -7.82 43.38
CA GLY A 201 -30.48 -7.39 44.10
C GLY A 201 -30.79 -6.08 44.80
N SER A 202 -30.56 -4.98 44.08
CA SER A 202 -31.06 -3.67 44.49
C SER A 202 -32.57 -3.61 44.28
N GLY A 203 -33.07 -4.40 43.33
CA GLY A 203 -34.49 -4.44 43.03
C GLY A 203 -34.81 -3.51 41.88
N GLY A 204 -33.79 -2.83 41.37
CA GLY A 204 -33.96 -1.87 40.29
C GLY A 204 -34.49 -2.46 38.99
N THR A 205 -33.92 -3.58 38.56
CA THR A 205 -34.32 -4.20 37.29
C THR A 205 -35.76 -4.65 37.30
N VAL A 206 -36.12 -5.46 38.30
CA VAL A 206 -37.48 -5.95 38.42
C VAL A 206 -38.51 -4.81 38.61
N SER A 207 -38.13 -3.76 39.33
CA SER A 207 -39.06 -2.67 39.59
C SER A 207 -39.27 -1.81 38.36
N GLY A 208 -38.19 -1.52 37.64
CA GLY A 208 -38.26 -0.64 36.49
C GLY A 208 -38.86 -1.34 35.28
N VAL A 209 -38.44 -2.57 35.02
CA VAL A 209 -39.02 -3.35 33.94
C VAL A 209 -40.46 -3.67 34.28
N GLY A 210 -40.73 -3.94 35.56
CA GLY A 210 -42.06 -4.25 36.02
C GLY A 210 -43.02 -3.11 35.74
N GLN A 211 -42.65 -1.90 36.15
CA GLN A 211 -43.51 -0.75 35.93
C GLN A 211 -43.70 -0.47 34.45
N TYR A 212 -42.63 -0.54 33.67
CA TYR A 212 -42.78 -0.28 32.24
C TYR A 212 -43.73 -1.27 31.56
N LEU A 213 -43.48 -2.57 31.74
CA LEU A 213 -44.36 -3.56 31.13
C LEU A 213 -45.81 -3.38 31.54
N LYS A 214 -46.05 -3.09 32.82
CA LYS A 214 -47.41 -2.85 33.30
C LYS A 214 -48.05 -1.67 32.56
N SER A 215 -47.27 -0.64 32.28
CA SER A 215 -47.81 0.55 31.63
C SER A 215 -48.14 0.33 30.14
N LYS A 216 -47.68 -0.78 29.61
CA LYS A 216 -48.01 -1.17 28.26
C LYS A 216 -49.13 -2.18 28.22
N ASN A 217 -49.10 -3.15 29.09
CA ASN A 217 -50.14 -4.12 29.22
C ASN A 217 -50.25 -4.53 30.68
N PRO A 218 -51.37 -4.23 31.32
CA PRO A 218 -51.53 -4.43 32.75
C PRO A 218 -51.68 -5.86 33.18
N ASN A 219 -51.86 -6.74 32.24
CA ASN A 219 -52.01 -8.17 32.49
C ASN A 219 -50.69 -8.92 32.49
N VAL A 220 -49.60 -8.21 32.21
CA VAL A 220 -48.28 -8.80 32.29
C VAL A 220 -47.98 -9.16 33.74
N LYS A 221 -47.67 -10.43 33.99
CA LYS A 221 -47.29 -10.85 35.34
C LYS A 221 -45.79 -10.68 35.55
N ILE A 222 -45.42 -10.08 36.68
CA ILE A 222 -44.01 -9.87 37.03
C ILE A 222 -43.62 -10.66 38.27
N TYR A 223 -42.51 -11.40 38.21
CA TYR A 223 -42.03 -12.19 39.35
C TYR A 223 -40.61 -11.85 39.75
N GLY A 224 -40.37 -11.76 41.06
CA GLY A 224 -39.03 -11.69 41.60
C GLY A 224 -38.49 -13.08 41.92
N VAL A 225 -37.18 -13.18 42.08
CA VAL A 225 -36.57 -14.42 42.49
C VAL A 225 -35.66 -14.09 43.65
N GLU A 226 -35.55 -14.98 44.62
CA GLU A 226 -34.59 -14.78 45.69
C GLU A 226 -34.11 -16.13 46.20
N PRO A 227 -32.95 -16.15 46.87
CA PRO A 227 -32.39 -17.42 47.34
C PRO A 227 -33.23 -18.02 48.45
N SER A 228 -33.44 -19.34 48.42
CA SER A 228 -34.13 -20.06 49.50
C SER A 228 -33.42 -19.88 50.84
N GLU A 229 -32.10 -19.89 50.81
CA GLU A 229 -31.22 -19.75 51.98
C GLU A 229 -31.16 -18.35 52.59
N SER A 230 -31.68 -17.38 51.86
CA SER A 230 -31.74 -16.00 52.29
C SER A 230 -33.00 -15.33 51.80
N ASN A 231 -34.14 -15.81 52.24
CA ASN A 231 -35.44 -15.35 51.76
C ASN A 231 -36.13 -14.27 52.55
N VAL A 232 -35.50 -13.11 52.67
CA VAL A 232 -36.02 -12.05 53.53
C VAL A 232 -37.33 -11.40 53.05
N LEU A 233 -37.57 -11.39 51.74
CA LEU A 233 -38.79 -10.81 51.17
C LEU A 233 -40.01 -11.72 51.35
N ASN A 234 -39.77 -13.01 51.54
CA ASN A 234 -40.81 -13.97 51.89
C ASN A 234 -40.86 -14.25 53.40
N GLY A 235 -40.21 -13.40 54.19
CA GLY A 235 -40.27 -13.46 55.63
C GLY A 235 -39.15 -14.24 56.31
N GLY A 236 -38.26 -14.83 55.52
CA GLY A 236 -37.16 -15.60 56.09
C GLY A 236 -36.12 -14.71 56.76
N LYS A 237 -35.10 -15.35 57.31
CA LYS A 237 -33.94 -14.63 57.86
C LYS A 237 -32.81 -14.59 56.84
N PRO A 238 -32.00 -13.51 56.88
CA PRO A 238 -30.85 -13.39 55.99
C PRO A 238 -29.76 -14.41 56.33
N GLY A 239 -29.00 -14.84 55.32
CA GLY A 239 -27.98 -15.86 55.52
C GLY A 239 -27.11 -16.03 54.29
N PRO A 240 -25.92 -16.64 54.44
CA PRO A 240 -25.02 -16.84 53.31
C PRO A 240 -25.63 -17.71 52.23
N HIS A 241 -25.41 -17.33 50.97
CA HIS A 241 -25.89 -18.09 49.83
C HIS A 241 -24.93 -17.90 48.66
N HIS A 242 -25.18 -18.58 47.54
CA HIS A 242 -24.23 -18.54 46.42
C HIS A 242 -24.77 -17.90 45.16
N ILE A 243 -25.94 -17.28 45.24
CA ILE A 243 -26.51 -16.70 44.04
C ILE A 243 -25.99 -15.28 43.88
N THR A 244 -24.71 -15.17 43.50
CA THR A 244 -23.99 -13.89 43.46
C THR A 244 -24.77 -12.80 42.73
N GLY A 245 -24.91 -11.64 43.36
CA GLY A 245 -25.58 -10.49 42.75
C GLY A 245 -27.01 -10.37 43.22
N ASN A 246 -27.52 -11.48 43.71
CA ASN A 246 -28.88 -11.60 44.18
C ASN A 246 -28.88 -11.65 45.71
N GLY A 247 -29.95 -11.20 46.35
CA GLY A 247 -30.18 -11.41 47.78
C GLY A 247 -29.22 -10.77 48.77
N VAL A 248 -29.28 -9.44 48.89
CA VAL A 248 -28.42 -8.69 49.80
C VAL A 248 -28.74 -8.85 51.29
N GLY A 249 -29.97 -9.26 51.61
CA GLY A 249 -30.31 -9.61 52.99
C GLY A 249 -31.20 -8.58 53.68
N PHE A 250 -31.86 -7.75 52.89
CA PHE A 250 -32.77 -6.72 53.39
C PHE A 250 -33.58 -6.23 52.22
N LYS A 251 -34.58 -5.39 52.48
CA LYS A 251 -35.35 -4.81 51.38
C LYS A 251 -34.77 -3.45 50.98
N PRO A 252 -34.28 -3.34 49.73
CA PRO A 252 -33.81 -2.04 49.21
C PRO A 252 -34.95 -1.04 49.13
N ASP A 253 -34.66 0.24 49.36
CA ASP A 253 -35.70 1.28 49.29
C ASP A 253 -36.39 1.34 47.93
N ILE A 254 -35.62 1.14 46.85
CA ILE A 254 -36.16 1.28 45.50
C ILE A 254 -36.98 0.10 45.01
N LEU A 255 -36.93 -1.02 45.74
CA LEU A 255 -37.68 -2.21 45.34
C LEU A 255 -39.18 -1.98 45.44
N ASP A 256 -39.89 -2.31 44.36
CA ASP A 256 -41.32 -2.09 44.30
C ASP A 256 -42.08 -3.39 44.51
N LEU A 257 -42.53 -3.62 45.74
CA LEU A 257 -43.16 -4.89 46.11
C LEU A 257 -44.46 -5.12 45.37
N ASP A 258 -45.19 -4.03 45.13
CA ASP A 258 -46.56 -4.11 44.60
C ASP A 258 -46.66 -4.55 43.15
N VAL A 259 -45.61 -4.32 42.37
CA VAL A 259 -45.67 -4.62 40.95
C VAL A 259 -45.51 -6.13 40.71
N MET A 260 -44.98 -6.84 41.71
CA MET A 260 -44.75 -8.28 41.58
C MET A 260 -45.90 -9.17 42.07
N GLU A 261 -46.18 -10.24 41.34
CA GLU A 261 -47.14 -11.25 41.80
C GLU A 261 -46.63 -11.89 43.08
N LYS A 262 -45.39 -12.34 43.06
CA LYS A 262 -44.74 -12.87 44.26
C LYS A 262 -43.23 -13.01 44.02
N VAL A 263 -42.48 -13.29 45.07
CA VAL A 263 -41.06 -13.56 44.95
C VAL A 263 -40.81 -15.05 45.01
N LEU A 264 -40.40 -15.65 43.89
CA LEU A 264 -40.13 -17.08 43.85
C LEU A 264 -38.83 -17.39 44.55
N GLU A 265 -38.72 -18.58 45.10
CA GLU A 265 -37.49 -18.97 45.79
C GLU A 265 -36.76 -20.06 45.02
N VAL A 266 -35.43 -19.93 44.93
CA VAL A 266 -34.61 -20.92 44.27
C VAL A 266 -33.41 -21.22 45.15
N SER A 267 -33.10 -22.50 45.33
CA SER A 267 -31.96 -22.88 46.13
C SER A 267 -30.68 -22.65 45.34
N SER A 268 -29.59 -22.41 46.06
CA SER A 268 -28.27 -22.24 45.46
C SER A 268 -27.94 -23.48 44.63
N GLU A 269 -28.17 -24.65 45.20
CA GLU A 269 -27.95 -25.92 44.52
C GLU A 269 -28.61 -25.97 43.12
N ASP A 270 -29.91 -25.66 43.06
CA ASP A 270 -30.60 -25.68 41.76
C ASP A 270 -30.10 -24.62 40.79
N ALA A 271 -29.77 -23.43 41.31
CA ALA A 271 -29.28 -22.34 40.47
C ALA A 271 -27.91 -22.73 39.92
N VAL A 272 -27.07 -23.33 40.76
CA VAL A 272 -25.77 -23.77 40.35
C VAL A 272 -25.89 -24.84 39.25
N ASN A 273 -26.61 -25.90 39.54
CA ASN A 273 -26.85 -26.95 38.55
C ASN A 273 -27.36 -26.45 37.20
N MET A 274 -28.32 -25.52 37.22
CA MET A 274 -28.90 -25.01 35.99
C MET A 274 -27.89 -24.17 35.20
N ALA A 275 -27.02 -23.46 35.92
CA ALA A 275 -26.01 -22.66 35.25
C ALA A 275 -25.05 -23.59 34.48
N ARG A 276 -24.70 -24.72 35.09
CA ARG A 276 -23.84 -25.69 34.42
C ARG A 276 -24.48 -26.28 33.18
N VAL A 277 -25.77 -26.60 33.29
CA VAL A 277 -26.52 -27.17 32.19
C VAL A 277 -26.66 -26.17 31.04
N LEU A 278 -26.83 -24.90 31.37
CA LEU A 278 -27.00 -23.89 30.34
C LEU A 278 -25.78 -23.85 29.44
N ALA A 279 -24.62 -24.07 30.03
CA ALA A 279 -23.38 -24.04 29.27
C ALA A 279 -23.23 -25.29 28.38
N LEU A 280 -23.55 -26.46 28.94
CA LEU A 280 -23.42 -27.72 28.21
C LEU A 280 -24.42 -27.88 27.06
N LYS A 281 -25.63 -27.40 27.23
CA LYS A 281 -26.69 -27.68 26.27
C LYS A 281 -27.17 -26.48 25.44
N GLU A 282 -26.99 -25.26 25.93
CA GLU A 282 -27.44 -24.09 25.18
C GLU A 282 -26.27 -23.24 24.70
N GLY A 283 -25.05 -23.57 25.13
CA GLY A 283 -23.88 -22.75 24.85
C GLY A 283 -23.92 -21.38 25.50
N LEU A 284 -24.65 -21.26 26.61
CA LEU A 284 -24.72 -20.00 27.36
C LEU A 284 -23.90 -20.08 28.64
N MET A 285 -22.70 -19.52 28.59
CA MET A 285 -21.80 -19.54 29.72
C MET A 285 -22.27 -18.47 30.68
N VAL A 286 -23.10 -18.82 31.66
CA VAL A 286 -23.69 -17.82 32.53
C VAL A 286 -23.47 -18.07 34.02
N GLY A 287 -23.69 -17.04 34.84
CA GLY A 287 -23.47 -17.14 36.28
C GLY A 287 -24.62 -17.79 37.06
N ILE A 288 -24.41 -17.96 38.35
CA ILE A 288 -25.41 -18.60 39.22
C ILE A 288 -26.73 -17.84 39.22
N SER A 289 -26.67 -16.52 39.16
CA SER A 289 -27.87 -15.69 39.10
C SER A 289 -28.69 -16.02 37.83
N SER A 290 -28.01 -16.15 36.69
CA SER A 290 -28.67 -16.52 35.45
C SER A 290 -29.29 -17.90 35.66
N GLY A 291 -28.56 -18.76 36.35
CA GLY A 291 -29.09 -20.06 36.73
C GLY A 291 -30.41 -19.99 37.49
N ALA A 292 -30.40 -19.24 38.59
CA ALA A 292 -31.61 -19.11 39.40
C ALA A 292 -32.80 -18.55 38.60
N ASN A 293 -32.55 -17.54 37.77
CA ASN A 293 -33.65 -16.96 36.98
C ASN A 293 -34.28 -18.01 36.06
N THR A 294 -33.42 -18.81 35.44
CA THR A 294 -33.84 -19.84 34.51
C THR A 294 -34.61 -20.94 35.21
N VAL A 295 -34.17 -21.34 36.40
CA VAL A 295 -34.96 -22.29 37.21
C VAL A 295 -36.37 -21.76 37.49
N ALA A 296 -36.45 -20.52 37.95
CA ALA A 296 -37.74 -19.87 38.20
C ALA A 296 -38.60 -19.79 36.92
N ALA A 297 -37.99 -19.42 35.81
CA ALA A 297 -38.72 -19.32 34.55
C ALA A 297 -39.26 -20.66 34.08
N LEU A 298 -38.45 -21.71 34.17
CA LEU A 298 -38.86 -23.04 33.72
C LEU A 298 -40.02 -23.55 34.53
N ARG A 299 -40.06 -23.22 35.81
CA ARG A 299 -41.10 -23.79 36.64
C ARG A 299 -42.44 -23.04 36.48
N LEU A 300 -42.36 -21.74 36.22
CA LEU A 300 -43.51 -21.00 35.71
C LEU A 300 -43.96 -21.57 34.35
N ALA A 301 -42.99 -21.98 33.54
CA ALA A 301 -43.27 -22.44 32.18
C ALA A 301 -43.88 -23.84 32.17
N GLN A 302 -43.87 -24.51 33.32
CA GLN A 302 -44.43 -25.85 33.42
C GLN A 302 -45.82 -25.86 34.03
N LEU A 303 -46.25 -24.69 34.51
CA LEU A 303 -47.60 -24.53 35.02
C LEU A 303 -48.64 -24.56 33.88
N PRO A 304 -49.68 -25.39 34.03
CA PRO A 304 -50.75 -25.51 33.03
C PRO A 304 -51.28 -24.15 32.55
N GLU A 305 -51.59 -23.22 33.45
CA GLU A 305 -52.16 -21.93 33.00
C GLU A 305 -51.24 -21.09 32.13
N ASN A 306 -49.95 -21.42 32.11
CA ASN A 306 -49.02 -20.66 31.30
C ASN A 306 -48.73 -21.28 29.93
N LYS A 307 -49.42 -22.39 29.64
CA LYS A 307 -49.28 -23.05 28.35
C LYS A 307 -49.44 -22.05 27.20
N GLY A 308 -48.49 -22.06 26.27
CA GLY A 308 -48.53 -21.18 25.12
C GLY A 308 -48.03 -19.77 25.35
N LYS A 309 -47.73 -19.44 26.61
CA LYS A 309 -47.28 -18.08 26.94
C LYS A 309 -45.79 -17.85 26.67
N LEU A 310 -45.41 -16.59 26.46
CA LEU A 310 -44.01 -16.20 26.31
C LEU A 310 -43.48 -15.61 27.61
N ILE A 311 -42.56 -16.34 28.24
CA ILE A 311 -41.93 -15.89 29.47
C ILE A 311 -40.54 -15.33 29.21
N VAL A 312 -40.26 -14.12 29.66
CA VAL A 312 -38.93 -13.54 29.51
C VAL A 312 -38.18 -13.43 30.82
N THR A 313 -36.92 -13.84 30.82
CA THR A 313 -36.04 -13.60 31.96
C THR A 313 -34.70 -13.05 31.50
N VAL A 314 -33.80 -12.84 32.46
CA VAL A 314 -32.53 -12.20 32.18
C VAL A 314 -31.36 -13.09 32.58
N HIS A 315 -30.30 -13.06 31.77
CA HIS A 315 -29.02 -13.63 32.18
C HIS A 315 -28.10 -12.49 32.52
N PRO A 316 -28.03 -12.13 33.81
CA PRO A 316 -27.44 -10.83 34.17
C PRO A 316 -25.93 -10.69 33.93
N SER A 317 -25.17 -11.78 33.74
CA SER A 317 -23.74 -11.64 33.45
C SER A 317 -23.05 -12.89 32.93
N PHE A 318 -21.85 -12.68 32.37
CA PHE A 318 -21.05 -13.73 31.75
C PHE A 318 -20.47 -14.65 32.81
N GLY A 319 -20.42 -15.96 32.53
CA GLY A 319 -20.04 -16.94 33.53
C GLY A 319 -18.56 -16.99 33.91
N GLU A 320 -17.70 -16.62 32.97
CA GLU A 320 -16.25 -16.68 33.16
C GLU A 320 -15.77 -15.81 34.34
N ARG A 321 -16.56 -14.82 34.70
CA ARG A 321 -16.25 -13.99 35.85
C ARG A 321 -16.18 -14.80 37.15
N TYR A 322 -16.82 -15.97 37.18
CA TYR A 322 -16.95 -16.71 38.43
C TYR A 322 -16.12 -17.99 38.47
N LEU A 323 -14.99 -17.99 37.75
CA LEU A 323 -14.15 -19.18 37.62
C LEU A 323 -13.68 -19.78 38.94
N SER A 324 -13.57 -18.97 39.99
CA SER A 324 -13.10 -19.47 41.29
C SER A 324 -14.22 -19.69 42.32
N SER A 325 -15.46 -19.49 41.89
CA SER A 325 -16.63 -19.75 42.72
C SER A 325 -17.01 -21.24 42.65
N VAL A 326 -18.05 -21.59 43.40
CA VAL A 326 -18.58 -22.94 43.42
C VAL A 326 -19.11 -23.40 42.04
N LEU A 327 -19.39 -22.45 41.15
CA LEU A 327 -19.95 -22.79 39.85
C LEU A 327 -19.03 -23.75 39.06
N PHE A 328 -17.72 -23.56 39.18
CA PHE A 328 -16.77 -24.39 38.47
C PHE A 328 -15.97 -25.31 39.40
N GLN A 329 -16.53 -25.59 40.57
CA GLN A 329 -15.84 -26.34 41.61
C GLN A 329 -15.36 -27.71 41.15
N GLU A 330 -16.28 -28.50 40.61
CA GLU A 330 -15.95 -29.82 40.12
C GLU A 330 -14.92 -29.75 38.99
N LEU A 331 -15.21 -28.95 37.97
CA LEU A 331 -14.30 -28.83 36.83
C LEU A 331 -12.89 -28.40 37.26
N ARG A 332 -12.82 -27.53 38.26
CA ARG A 332 -11.55 -26.94 38.68
C ARG A 332 -10.65 -28.01 39.28
N GLN A 333 -11.22 -28.86 40.10
CA GLN A 333 -10.41 -29.85 40.79
C GLN A 333 -10.23 -31.13 39.96
N GLU A 334 -11.21 -31.45 39.12
CA GLU A 334 -11.01 -32.52 38.14
C GLU A 334 -9.81 -32.20 37.24
N ALA A 335 -9.64 -30.93 36.91
CA ALA A 335 -8.55 -30.47 36.05
C ALA A 335 -7.20 -30.39 36.77
N GLU A 336 -7.22 -30.26 38.09
CA GLU A 336 -5.98 -30.22 38.85
C GLU A 336 -5.35 -31.62 38.90
N ASN A 337 -6.18 -32.63 39.10
CA ASN A 337 -5.73 -34.01 39.23
C ASN A 337 -5.15 -34.63 37.95
N MET A 338 -5.48 -34.06 36.80
CA MET A 338 -4.96 -34.56 35.53
C MET A 338 -3.95 -33.60 34.90
N THR B 23 -34.86 -6.02 17.17
CA THR B 23 -35.01 -7.30 16.50
C THR B 23 -36.17 -8.09 17.13
N ASN B 24 -36.41 -9.28 16.60
CA ASN B 24 -37.24 -10.26 17.28
C ASN B 24 -36.27 -11.12 18.10
N ILE B 25 -36.80 -12.07 18.87
CA ILE B 25 -36.01 -13.03 19.62
C ILE B 25 -35.20 -13.91 18.66
N LYS B 26 -33.97 -14.24 19.03
CA LYS B 26 -33.13 -15.08 18.18
C LYS B 26 -33.44 -16.55 18.49
N LYS B 27 -33.26 -17.43 17.51
CA LYS B 27 -33.53 -18.85 17.74
C LYS B 27 -32.34 -19.57 18.37
N HIS B 28 -31.14 -19.29 17.89
CA HIS B 28 -29.92 -19.88 18.45
C HIS B 28 -28.89 -18.85 18.89
N VAL B 29 -28.13 -19.18 19.92
CA VAL B 29 -27.06 -18.31 20.42
C VAL B 29 -26.07 -17.99 19.31
N SER B 30 -25.91 -18.90 18.36
CA SER B 30 -25.00 -18.69 17.26
C SER B 30 -25.42 -17.50 16.40
N GLN B 31 -26.68 -17.08 16.49
CA GLN B 31 -27.12 -15.89 15.77
C GLN B 31 -26.61 -14.61 16.43
N LEU B 32 -25.92 -14.75 17.56
CA LEU B 32 -25.37 -13.58 18.26
C LEU B 32 -23.92 -13.37 17.88
N ILE B 33 -23.39 -14.28 17.07
CA ILE B 33 -22.05 -14.14 16.52
C ILE B 33 -21.99 -13.03 15.47
N GLY B 34 -20.88 -12.28 15.47
CA GLY B 34 -20.64 -11.20 14.54
C GLY B 34 -21.42 -9.90 14.76
N ARG B 35 -21.39 -9.03 13.76
CA ARG B 35 -22.07 -7.73 13.85
C ARG B 35 -21.69 -6.95 15.09
N THR B 36 -20.39 -6.85 15.35
CA THR B 36 -19.88 -6.12 16.49
C THR B 36 -19.68 -4.64 16.16
N PRO B 37 -19.82 -3.77 17.17
CA PRO B 37 -19.73 -2.32 16.92
C PRO B 37 -18.31 -1.78 16.77
N LEU B 38 -18.18 -0.62 16.13
CA LEU B 38 -16.96 0.17 16.11
C LEU B 38 -17.13 1.35 17.06
N VAL B 39 -16.05 1.71 17.76
CA VAL B 39 -16.07 2.91 18.59
C VAL B 39 -14.78 3.73 18.41
N TYR B 40 -14.89 5.05 18.39
CA TYR B 40 -13.72 5.92 18.33
C TYR B 40 -12.94 5.92 19.65
N LEU B 41 -11.61 5.95 19.57
CA LEU B 41 -10.76 6.25 20.72
C LEU B 41 -10.45 7.74 20.70
N ASN B 42 -10.51 8.39 21.85
CA ASN B 42 -10.21 9.83 21.88
C ASN B 42 -9.25 10.24 23.00
N LYS B 43 -8.87 9.29 23.85
CA LYS B 43 -7.99 9.61 24.97
C LYS B 43 -6.57 9.12 24.74
N VAL B 44 -6.40 7.86 24.32
CA VAL B 44 -5.06 7.39 23.99
C VAL B 44 -4.54 7.98 22.68
N THR B 45 -5.44 8.60 21.92
CA THR B 45 -5.10 9.14 20.60
C THR B 45 -4.86 10.65 20.54
N GLU B 46 -4.86 11.35 21.67
CA GLU B 46 -4.56 12.77 21.62
C GLU B 46 -3.05 12.97 21.56
N GLY B 47 -2.53 13.80 20.66
CA GLY B 47 -3.17 14.24 19.44
C GLY B 47 -2.35 13.63 18.31
N CYS B 48 -2.71 12.41 17.93
CA CYS B 48 -1.99 11.66 16.93
C CYS B 48 -2.38 12.09 15.51
N GLY B 49 -3.35 13.00 15.37
CA GLY B 49 -3.73 13.52 14.07
C GLY B 49 -4.54 12.65 13.10
N ALA B 50 -4.93 11.43 13.48
CA ALA B 50 -5.83 10.63 12.66
C ALA B 50 -7.03 10.14 13.45
N TYR B 51 -8.05 9.67 12.74
CA TYR B 51 -9.19 9.02 13.36
C TYR B 51 -8.84 7.56 13.67
N VAL B 52 -9.10 7.12 14.89
CA VAL B 52 -8.95 5.71 15.22
C VAL B 52 -10.26 5.13 15.77
N ALA B 53 -10.75 4.10 15.09
CA ALA B 53 -11.93 3.38 15.53
C ALA B 53 -11.53 1.92 15.75
N VAL B 54 -12.10 1.32 16.78
CA VAL B 54 -11.74 -0.03 17.16
C VAL B 54 -12.97 -0.95 17.19
N LYS B 55 -12.86 -2.11 16.55
CA LYS B 55 -13.93 -3.07 16.46
C LYS B 55 -13.93 -3.92 17.71
N GLN B 56 -15.06 -3.96 18.39
CA GLN B 56 -15.14 -4.60 19.71
C GLN B 56 -15.59 -6.05 19.64
N GLU B 57 -14.65 -6.97 19.57
CA GLU B 57 -15.01 -8.39 19.50
C GLU B 57 -15.41 -9.04 20.82
N MET B 58 -15.34 -8.32 21.91
CA MET B 58 -15.78 -8.84 23.17
C MET B 58 -17.25 -9.11 23.12
N MET B 59 -17.97 -8.49 22.23
CA MET B 59 -19.39 -8.72 22.19
C MET B 59 -19.73 -9.96 21.40
N GLN B 60 -19.23 -11.08 21.83
CA GLN B 60 -19.51 -12.32 21.16
C GLN B 60 -19.90 -13.26 22.24
N PRO B 61 -20.51 -14.35 21.88
CA PRO B 61 -20.95 -15.31 22.88
C PRO B 61 -19.81 -15.80 23.73
N THR B 62 -18.62 -16.01 23.22
CA THR B 62 -17.52 -16.36 24.08
C THR B 62 -16.55 -15.24 24.26
N ALA B 63 -16.96 -14.03 23.93
CA ALA B 63 -16.20 -12.83 24.17
C ALA B 63 -14.86 -12.72 23.46
N SER B 64 -14.77 -13.28 22.30
CA SER B 64 -13.57 -13.20 21.52
C SER B 64 -13.92 -13.36 20.07
N ILE B 65 -13.02 -12.91 19.20
CA ILE B 65 -13.24 -13.01 17.76
C ILE B 65 -13.01 -14.43 17.26
N LYS B 66 -12.92 -15.37 18.19
CA LYS B 66 -12.70 -16.77 17.85
C LYS B 66 -14.01 -17.49 17.60
N ASP B 67 -15.12 -16.78 17.79
CA ASP B 67 -16.45 -17.35 17.60
C ASP B 67 -16.82 -17.37 16.12
N ARG B 68 -16.23 -16.45 15.35
CA ARG B 68 -16.51 -16.35 13.93
C ARG B 68 -15.92 -17.55 13.17
N PRO B 69 -14.61 -17.71 13.27
CA PRO B 69 -13.94 -18.81 12.60
C PRO B 69 -14.38 -20.18 13.04
N ALA B 70 -14.67 -20.33 14.31
CA ALA B 70 -15.11 -21.60 14.81
C ALA B 70 -16.44 -21.97 14.22
N TYR B 71 -17.35 -21.02 14.10
CA TYR B 71 -18.59 -21.30 13.48
C TYR B 71 -18.46 -21.62 12.02
N ALA B 72 -17.70 -20.82 11.31
CA ALA B 72 -17.52 -21.01 9.88
C ALA B 72 -16.86 -22.35 9.54
N MET B 73 -15.83 -22.75 10.27
CA MET B 73 -15.19 -24.02 9.99
C MET B 73 -16.08 -25.26 10.25
N ILE B 74 -16.84 -25.24 11.34
CA ILE B 74 -17.75 -26.34 11.60
C ILE B 74 -18.89 -26.36 10.58
N THR B 75 -19.47 -25.19 10.31
CA THR B 75 -20.57 -25.10 9.36
C THR B 75 -20.12 -25.50 7.95
N ASP B 76 -18.93 -25.10 7.57
CA ASP B 76 -18.33 -25.45 6.29
C ASP B 76 -18.24 -26.97 6.11
N ALA B 77 -17.74 -27.64 7.12
CA ALA B 77 -17.60 -29.09 7.06
C ALA B 77 -18.94 -29.79 6.98
N GLU B 78 -19.94 -29.33 7.74
CA GLU B 78 -21.28 -29.90 7.68
C GLU B 78 -21.80 -29.82 6.24
N GLU B 79 -21.64 -28.65 5.64
CA GLU B 79 -22.21 -28.37 4.32
C GLU B 79 -21.58 -29.15 3.18
N LYS B 80 -20.30 -29.48 3.32
CA LYS B 80 -19.66 -30.36 2.35
C LYS B 80 -19.85 -31.83 2.74
N ASN B 81 -20.68 -32.05 3.75
CA ASN B 81 -21.03 -33.40 4.22
C ASN B 81 -19.85 -34.23 4.69
N LEU B 82 -18.85 -33.58 5.28
CA LEU B 82 -17.71 -34.31 5.82
C LEU B 82 -17.95 -34.71 7.26
N ILE B 83 -18.95 -34.12 7.90
CA ILE B 83 -19.21 -34.39 9.32
C ILE B 83 -20.69 -34.46 9.63
N THR B 84 -21.01 -35.13 10.74
CA THR B 84 -22.38 -35.23 11.22
C THR B 84 -22.42 -35.27 12.74
N PRO B 85 -23.33 -34.47 13.35
CA PRO B 85 -23.52 -34.46 14.80
C PRO B 85 -23.99 -35.81 15.33
N GLY B 86 -23.43 -36.22 16.47
CA GLY B 86 -23.74 -37.51 17.07
C GLY B 86 -22.83 -38.60 16.54
N LYS B 87 -22.36 -38.41 15.31
CA LYS B 87 -21.52 -39.40 14.66
C LYS B 87 -20.05 -39.03 14.72
N THR B 88 -19.70 -37.86 14.18
CA THR B 88 -18.31 -37.45 14.04
C THR B 88 -17.67 -36.94 15.34
N THR B 89 -16.41 -37.32 15.57
CA THR B 89 -15.60 -36.72 16.62
C THR B 89 -14.69 -35.64 16.02
N LEU B 90 -14.85 -34.40 16.50
CA LEU B 90 -13.99 -33.31 16.02
C LEU B 90 -12.76 -33.24 16.90
N ILE B 91 -11.60 -33.20 16.24
CA ILE B 91 -10.35 -33.16 16.96
C ILE B 91 -9.60 -31.91 16.57
N GLU B 92 -8.98 -31.26 17.53
CA GLU B 92 -8.18 -30.09 17.23
C GLU B 92 -7.05 -29.85 18.24
N PRO B 93 -5.83 -29.70 17.73
CA PRO B 93 -4.70 -29.31 18.56
C PRO B 93 -4.69 -27.80 18.81
N THR B 94 -5.42 -27.33 19.80
CA THR B 94 -5.47 -25.91 20.09
C THR B 94 -5.88 -25.66 21.52
N SER B 95 -5.45 -24.53 22.07
CA SER B 95 -5.99 -24.06 23.34
C SER B 95 -6.04 -22.55 23.10
N GLY B 96 -6.41 -21.80 24.14
CA GLY B 96 -6.65 -20.41 23.99
C GLY B 96 -8.08 -20.08 23.62
N ASN B 97 -8.25 -18.94 23.00
CA ASN B 97 -9.55 -18.48 22.56
C ASN B 97 -10.21 -19.42 21.54
N MET B 98 -9.39 -20.04 20.69
CA MET B 98 -9.92 -20.92 19.66
C MET B 98 -10.46 -22.24 20.27
N GLY B 99 -9.78 -22.74 21.29
CA GLY B 99 -10.29 -23.89 22.04
C GLY B 99 -11.65 -23.61 22.68
N ILE B 100 -11.74 -22.50 23.40
CA ILE B 100 -13.00 -22.08 24.00
C ILE B 100 -14.11 -21.94 22.97
N SER B 101 -13.80 -21.29 21.86
CA SER B 101 -14.76 -21.13 20.77
C SER B 101 -15.13 -22.44 20.12
N MET B 102 -14.16 -23.33 19.97
CA MET B 102 -14.42 -24.66 19.39
C MET B 102 -15.32 -25.47 20.33
N ALA B 103 -14.97 -25.51 21.61
CA ALA B 103 -15.82 -26.21 22.58
C ALA B 103 -17.24 -25.64 22.57
N PHE B 104 -17.33 -24.32 22.46
CA PHE B 104 -18.62 -23.64 22.44
C PHE B 104 -19.48 -24.03 21.24
N MET B 105 -18.88 -24.06 20.05
CA MET B 105 -19.60 -24.45 18.83
C MET B 105 -19.98 -25.91 18.76
N ALA B 106 -19.22 -26.78 19.43
CA ALA B 106 -19.57 -28.19 19.50
C ALA B 106 -20.73 -28.43 20.46
N ALA B 107 -20.64 -27.89 21.67
CA ALA B 107 -21.75 -27.97 22.61
C ALA B 107 -23.05 -27.61 21.89
N MET B 108 -23.02 -26.51 21.14
CA MET B 108 -24.22 -26.02 20.46
C MET B 108 -24.74 -26.94 19.34
N LYS B 109 -23.85 -27.37 18.45
CA LYS B 109 -24.28 -28.16 17.29
C LYS B 109 -24.36 -29.66 17.61
N GLY B 110 -23.85 -30.05 18.78
CA GLY B 110 -23.88 -31.44 19.19
C GLY B 110 -22.81 -32.32 18.56
N TYR B 111 -21.54 -31.99 18.81
CA TYR B 111 -20.41 -32.80 18.39
C TYR B 111 -19.54 -33.12 19.59
N LYS B 112 -19.03 -34.35 19.63
CA LYS B 112 -17.99 -34.68 20.59
C LYS B 112 -16.73 -33.95 20.12
N MET B 113 -16.03 -33.30 21.05
CA MET B 113 -14.90 -32.42 20.72
C MET B 113 -13.68 -32.79 21.57
N VAL B 114 -12.55 -33.03 20.91
CA VAL B 114 -11.31 -33.36 21.59
C VAL B 114 -10.27 -32.31 21.31
N LEU B 115 -9.71 -31.74 22.36
CA LEU B 115 -8.72 -30.70 22.21
C LEU B 115 -7.45 -31.17 22.88
N THR B 116 -6.36 -31.24 22.11
CA THR B 116 -5.09 -31.61 22.70
C THR B 116 -4.31 -30.35 23.01
N MET B 117 -3.56 -30.38 24.10
CA MET B 117 -2.80 -29.21 24.51
C MET B 117 -1.73 -29.61 25.53
N PRO B 118 -0.64 -28.82 25.60
CA PRO B 118 0.42 -29.07 26.58
C PRO B 118 -0.11 -29.01 28.00
N SER B 119 0.39 -29.89 28.87
CA SER B 119 -0.09 -29.97 30.24
C SER B 119 0.15 -28.66 31.00
N TYR B 120 0.99 -27.79 30.44
CA TYR B 120 1.23 -26.50 31.10
C TYR B 120 0.18 -25.43 30.79
N THR B 121 -0.80 -25.74 29.94
CA THR B 121 -1.77 -24.72 29.59
C THR B 121 -2.57 -24.24 30.79
N SER B 122 -3.00 -23.01 30.74
CA SER B 122 -3.64 -22.35 31.84
C SER B 122 -4.81 -23.12 32.37
N LEU B 123 -4.87 -23.27 33.68
CA LEU B 123 -5.96 -24.01 34.32
C LEU B 123 -7.35 -23.41 34.02
N GLU B 124 -7.43 -22.08 34.01
CA GLU B 124 -8.66 -21.36 33.71
C GLU B 124 -9.20 -21.62 32.30
N ARG B 125 -8.33 -21.65 31.29
CA ARG B 125 -8.76 -21.96 29.93
C ARG B 125 -9.28 -23.38 29.91
N ARG B 126 -8.63 -24.28 30.66
CA ARG B 126 -9.02 -25.68 30.60
C ARG B 126 -10.39 -25.91 31.22
N VAL B 127 -10.62 -25.28 32.36
CA VAL B 127 -11.92 -25.33 33.03
C VAL B 127 -13.02 -24.75 32.14
N THR B 128 -12.73 -23.63 31.48
CA THR B 128 -13.68 -23.01 30.55
C THR B 128 -14.04 -23.95 29.36
N MET B 129 -13.05 -24.61 28.77
CA MET B 129 -13.28 -25.55 27.67
C MET B 129 -14.11 -26.72 28.17
N ARG B 130 -13.79 -27.19 29.38
CA ARG B 130 -14.53 -28.27 30.00
C ARG B 130 -16.00 -27.90 30.25
N ALA B 131 -16.26 -26.65 30.64
CA ALA B 131 -17.64 -26.27 30.97
C ALA B 131 -18.60 -26.42 29.79
N PHE B 132 -18.07 -26.33 28.56
CA PHE B 132 -18.88 -26.53 27.35
C PHE B 132 -18.93 -27.99 26.93
N GLY B 133 -18.19 -28.85 27.62
CA GLY B 133 -18.26 -30.29 27.39
C GLY B 133 -17.19 -30.89 26.50
N ALA B 134 -16.17 -30.11 26.18
CA ALA B 134 -15.08 -30.66 25.39
C ALA B 134 -14.21 -31.59 26.23
N GLU B 135 -13.71 -32.64 25.59
CA GLU B 135 -12.74 -33.53 26.21
C GLU B 135 -11.33 -33.00 25.98
N LEU B 136 -10.54 -32.93 27.04
CA LEU B 136 -9.17 -32.43 26.96
C LEU B 136 -8.14 -33.54 27.12
N ILE B 137 -7.13 -33.52 26.26
CA ILE B 137 -5.99 -34.42 26.37
C ILE B 137 -4.71 -33.60 26.48
N LEU B 138 -4.05 -33.70 27.63
CA LEU B 138 -2.85 -32.92 27.91
C LEU B 138 -1.62 -33.71 27.50
N THR B 139 -0.61 -33.03 26.96
CA THR B 139 0.58 -33.70 26.46
C THR B 139 1.87 -33.19 27.10
N ASP B 140 2.97 -33.90 26.81
CA ASP B 140 4.27 -33.65 27.42
C ASP B 140 4.68 -32.18 27.39
N PRO B 141 4.96 -31.60 28.58
CA PRO B 141 5.35 -30.20 28.71
C PRO B 141 6.61 -29.87 27.92
N ALA B 142 7.35 -30.89 27.50
CA ALA B 142 8.61 -30.68 26.79
C ALA B 142 8.46 -30.68 25.26
N LYS B 143 7.37 -31.25 24.77
CA LYS B 143 7.14 -31.31 23.33
C LYS B 143 6.43 -30.08 22.77
N GLY B 144 6.04 -29.15 23.65
CA GLY B 144 5.34 -27.95 23.23
C GLY B 144 4.22 -28.23 22.24
N MET B 145 4.06 -27.35 21.26
CA MET B 145 2.98 -27.47 20.29
C MET B 145 3.09 -28.72 19.40
N GLY B 146 4.30 -29.05 18.98
CA GLY B 146 4.52 -30.22 18.14
C GLY B 146 3.93 -31.48 18.74
N GLY B 147 4.19 -31.69 20.03
CA GLY B 147 3.65 -32.83 20.76
C GLY B 147 2.14 -32.93 20.73
N THR B 148 1.45 -31.80 20.91
CA THR B 148 -0.01 -31.81 20.85
C THR B 148 -0.52 -32.08 19.43
N VAL B 149 0.19 -31.56 18.43
CA VAL B 149 -0.19 -31.82 17.04
C VAL B 149 0.05 -33.28 16.67
N LYS B 150 1.21 -33.80 17.05
CA LYS B 150 1.50 -35.21 16.80
C LYS B 150 0.45 -36.06 17.49
N LYS B 151 0.15 -35.74 18.75
CA LYS B 151 -0.82 -36.51 19.51
C LYS B 151 -2.19 -36.45 18.85
N ALA B 152 -2.55 -35.28 18.33
CA ALA B 152 -3.84 -35.11 17.69
C ALA B 152 -3.96 -35.94 16.41
N TYR B 153 -2.85 -36.07 15.70
CA TYR B 153 -2.87 -36.84 14.46
C TYR B 153 -2.97 -38.36 14.72
N GLU B 154 -2.34 -38.82 15.80
CA GLU B 154 -2.50 -40.20 16.27
C GLU B 154 -3.97 -40.47 16.55
N LEU B 155 -4.57 -39.59 17.35
CA LEU B 155 -5.99 -39.69 17.68
C LEU B 155 -6.84 -39.73 16.43
N LEU B 156 -6.52 -38.87 15.47
CA LEU B 156 -7.29 -38.81 14.23
C LEU B 156 -7.26 -40.17 13.55
N GLU B 157 -6.07 -40.75 13.46
CA GLU B 157 -5.91 -42.03 12.74
C GLU B 157 -6.43 -43.23 13.52
N ASN B 158 -6.56 -43.09 14.84
CA ASN B 158 -6.99 -44.19 15.70
C ASN B 158 -8.43 -44.07 16.20
N THR B 159 -9.20 -43.18 15.59
CA THR B 159 -10.59 -42.98 15.98
C THR B 159 -11.52 -43.04 14.78
N PRO B 160 -12.48 -43.97 14.81
CA PRO B 160 -13.46 -44.07 13.73
C PRO B 160 -14.32 -42.80 13.63
N ASN B 161 -14.48 -42.27 12.42
CA ASN B 161 -15.32 -41.10 12.16
C ASN B 161 -14.83 -39.82 12.84
N ALA B 162 -13.52 -39.59 12.77
CA ALA B 162 -12.90 -38.42 13.35
C ALA B 162 -12.54 -37.44 12.25
N HIS B 163 -12.64 -36.14 12.56
CA HIS B 163 -12.30 -35.10 11.60
C HIS B 163 -11.58 -33.95 12.32
N MET B 164 -10.44 -33.55 11.78
CA MET B 164 -9.67 -32.43 12.33
C MET B 164 -9.90 -31.15 11.52
N LEU B 165 -10.23 -30.08 12.22
CA LEU B 165 -10.53 -28.79 11.65
C LEU B 165 -9.41 -28.03 10.95
N GLN B 166 -8.21 -28.10 11.47
CA GLN B 166 -7.07 -27.44 10.83
C GLN B 166 -7.02 -25.97 10.63
N GLN B 167 -7.28 -25.24 11.69
CA GLN B 167 -7.38 -23.81 11.69
C GLN B 167 -6.34 -23.02 10.91
N PHE B 168 -5.09 -23.43 10.89
CA PHE B 168 -4.06 -22.68 10.18
C PHE B 168 -4.05 -22.91 8.66
N SER B 169 -4.70 -23.96 8.20
CA SER B 169 -4.71 -24.24 6.77
C SER B 169 -6.11 -24.38 6.19
N ASN B 170 -7.13 -24.04 6.98
CA ASN B 170 -8.52 -24.10 6.50
C ASN B 170 -8.97 -22.74 5.94
N PRO B 171 -9.31 -22.71 4.65
CA PRO B 171 -9.67 -21.44 4.01
C PRO B 171 -11.03 -20.91 4.47
N ALA B 172 -11.82 -21.73 5.16
CA ALA B 172 -13.07 -21.25 5.74
C ALA B 172 -12.82 -20.22 6.84
N ASN B 173 -11.63 -20.28 7.44
CA ASN B 173 -11.17 -19.29 8.41
C ASN B 173 -11.11 -17.90 7.79
N THR B 174 -10.33 -17.77 6.71
CA THR B 174 -10.21 -16.53 5.97
C THR B 174 -11.56 -16.09 5.44
N GLN B 175 -12.35 -17.05 4.95
CA GLN B 175 -13.61 -16.76 4.28
C GLN B 175 -14.61 -16.05 5.19
N VAL B 176 -14.67 -16.45 6.46
CA VAL B 176 -15.63 -15.83 7.37
C VAL B 176 -15.33 -14.37 7.60
N HIS B 177 -14.06 -13.99 7.59
CA HIS B 177 -13.70 -12.58 7.75
C HIS B 177 -13.92 -11.81 6.44
N PHE B 178 -13.83 -12.52 5.32
CA PHE B 178 -14.14 -11.92 4.03
C PHE B 178 -15.63 -11.65 3.90
N GLU B 179 -16.43 -12.51 4.51
CA GLU B 179 -17.89 -12.46 4.41
C GLU B 179 -18.59 -11.70 5.54
N THR B 180 -18.01 -11.67 6.73
CA THR B 180 -18.66 -10.94 7.83
C THR B 180 -17.84 -9.74 8.32
N THR B 181 -16.70 -10.02 8.94
CA THR B 181 -15.89 -8.99 9.58
C THR B 181 -15.58 -7.80 8.65
N GLY B 182 -15.09 -8.10 7.44
CA GLY B 182 -14.77 -7.08 6.47
C GLY B 182 -15.98 -6.24 6.04
N PRO B 183 -17.02 -6.90 5.55
CA PRO B 183 -18.25 -6.18 5.19
C PRO B 183 -18.80 -5.34 6.35
N GLU B 184 -18.77 -5.85 7.58
CA GLU B 184 -19.21 -5.04 8.72
C GLU B 184 -18.39 -3.74 8.82
N ILE B 185 -17.07 -3.82 8.67
CA ILE B 185 -16.22 -2.63 8.77
C ILE B 185 -16.50 -1.63 7.64
N TRP B 186 -16.74 -2.14 6.44
CA TRP B 186 -17.03 -1.31 5.29
C TRP B 186 -18.38 -0.59 5.46
N GLU B 187 -19.39 -1.32 5.93
CA GLU B 187 -20.70 -0.74 6.21
C GLU B 187 -20.67 0.29 7.34
N ASP B 188 -20.13 -0.08 8.50
CA ASP B 188 -20.10 0.82 9.66
C ASP B 188 -19.27 2.10 9.48
N THR B 189 -18.31 2.08 8.56
CA THR B 189 -17.52 3.28 8.28
C THR B 189 -18.07 3.97 7.07
N ASN B 190 -19.16 3.43 6.53
CA ASN B 190 -19.79 4.01 5.34
C ASN B 190 -18.77 4.20 4.20
N GLY B 191 -17.87 3.22 4.04
CA GLY B 191 -16.88 3.22 2.99
C GLY B 191 -15.69 4.14 3.21
N GLN B 192 -15.50 4.63 4.43
CA GLN B 192 -14.45 5.63 4.69
C GLN B 192 -13.15 5.10 5.26
N VAL B 193 -13.12 3.82 5.63
CA VAL B 193 -11.89 3.23 6.14
C VAL B 193 -10.73 3.41 5.16
N ASP B 194 -9.61 3.95 5.66
CA ASP B 194 -8.40 4.17 4.86
C ASP B 194 -7.31 3.12 5.14
N ILE B 195 -7.33 2.61 6.36
CA ILE B 195 -6.28 1.73 6.85
C ILE B 195 -6.87 0.76 7.86
N PHE B 196 -6.47 -0.50 7.76
CA PHE B 196 -6.91 -1.51 8.70
C PHE B 196 -5.72 -2.25 9.27
N VAL B 197 -5.61 -2.29 10.60
CA VAL B 197 -4.48 -2.93 11.28
C VAL B 197 -4.98 -4.07 12.14
N MET B 198 -4.28 -5.20 12.13
CA MET B 198 -4.75 -6.33 12.92
C MET B 198 -3.63 -7.32 13.19
N GLY B 199 -3.62 -7.86 14.40
CA GLY B 199 -2.63 -8.87 14.76
C GLY B 199 -2.79 -10.15 13.96
N ILE B 200 -1.67 -10.84 13.76
CA ILE B 200 -1.68 -12.12 13.07
C ILE B 200 -1.50 -13.28 14.07
N GLY B 201 -2.48 -14.17 14.12
CA GLY B 201 -2.31 -15.45 14.79
C GLY B 201 -2.28 -16.52 13.71
N SER B 202 -3.46 -16.91 13.23
CA SER B 202 -3.57 -17.76 12.03
C SER B 202 -3.48 -16.94 10.73
N GLY B 203 -3.77 -15.65 10.81
CA GLY B 203 -3.77 -14.80 9.63
C GLY B 203 -5.14 -14.72 8.94
N GLY B 204 -6.11 -15.46 9.46
CA GLY B 204 -7.44 -15.44 8.90
C GLY B 204 -8.08 -14.05 8.84
N THR B 205 -8.06 -13.34 9.97
CA THR B 205 -8.70 -12.03 10.04
C THR B 205 -8.04 -11.02 9.09
N VAL B 206 -6.72 -10.86 9.21
CA VAL B 206 -6.07 -9.84 8.40
C VAL B 206 -6.20 -10.16 6.90
N SER B 207 -6.17 -11.45 6.55
CA SER B 207 -6.27 -11.84 5.14
C SER B 207 -7.66 -11.60 4.61
N GLY B 208 -8.66 -12.09 5.35
CA GLY B 208 -10.04 -11.99 4.94
C GLY B 208 -10.57 -10.57 4.88
N VAL B 209 -10.28 -9.77 5.91
CA VAL B 209 -10.71 -8.36 5.90
C VAL B 209 -9.95 -7.60 4.81
N GLY B 210 -8.65 -7.84 4.72
CA GLY B 210 -7.81 -7.23 3.70
C GLY B 210 -8.35 -7.42 2.29
N GLN B 211 -8.60 -8.67 1.92
CA GLN B 211 -9.10 -8.98 0.58
C GLN B 211 -10.46 -8.34 0.35
N TYR B 212 -11.28 -8.26 1.39
CA TYR B 212 -12.57 -7.64 1.21
C TYR B 212 -12.42 -6.17 0.96
N LEU B 213 -11.77 -5.49 1.90
CA LEU B 213 -11.69 -4.04 1.85
C LEU B 213 -11.07 -3.59 0.53
N LYS B 214 -9.97 -4.26 0.15
CA LYS B 214 -9.29 -3.94 -1.11
C LYS B 214 -10.15 -4.19 -2.36
N SER B 215 -11.06 -5.17 -2.31
CA SER B 215 -12.02 -5.34 -3.40
C SER B 215 -13.06 -4.22 -3.47
N LYS B 216 -13.21 -3.46 -2.38
CA LYS B 216 -14.14 -2.32 -2.35
C LYS B 216 -13.41 -1.01 -2.67
N ASN B 217 -12.18 -0.88 -2.18
CA ASN B 217 -11.37 0.29 -2.44
C ASN B 217 -9.89 -0.10 -2.47
N PRO B 218 -9.30 -0.18 -3.66
CA PRO B 218 -7.93 -0.71 -3.78
C PRO B 218 -6.91 0.16 -3.04
N ASN B 219 -7.26 1.41 -2.75
CA ASN B 219 -6.35 2.31 -2.06
C ASN B 219 -6.23 2.03 -0.56
N VAL B 220 -7.06 1.10 -0.06
CA VAL B 220 -7.01 0.75 1.36
C VAL B 220 -5.68 0.08 1.75
N LYS B 221 -5.08 0.54 2.83
CA LYS B 221 -3.83 -0.03 3.30
C LYS B 221 -4.10 -0.99 4.46
N ILE B 222 -3.58 -2.21 4.33
CA ILE B 222 -3.76 -3.28 5.31
C ILE B 222 -2.41 -3.62 6.00
N TYR B 223 -2.33 -3.46 7.32
CA TYR B 223 -1.10 -3.83 8.05
C TYR B 223 -1.34 -4.99 9.01
N GLY B 224 -0.43 -5.95 9.02
CA GLY B 224 -0.41 -6.95 10.06
C GLY B 224 0.45 -6.52 11.21
N VAL B 225 0.39 -7.26 12.32
CA VAL B 225 1.18 -6.96 13.51
C VAL B 225 1.72 -8.24 14.12
N GLU B 226 2.98 -8.23 14.55
CA GLU B 226 3.55 -9.37 15.24
C GLU B 226 4.44 -8.94 16.41
N PRO B 227 4.77 -9.87 17.31
CA PRO B 227 5.64 -9.52 18.45
C PRO B 227 7.09 -9.29 18.03
N SER B 228 7.75 -8.32 18.67
CA SER B 228 9.16 -8.04 18.43
C SER B 228 10.02 -9.24 18.78
N GLU B 229 9.62 -9.93 19.84
CA GLU B 229 10.36 -11.06 20.38
C GLU B 229 10.19 -12.35 19.54
N SER B 230 9.47 -12.24 18.43
CA SER B 230 9.19 -13.42 17.61
C SER B 230 8.66 -12.81 16.30
N ASN B 231 9.59 -12.24 15.53
CA ASN B 231 9.25 -11.46 14.35
C ASN B 231 9.77 -12.46 13.32
N VAL B 232 8.89 -13.33 12.83
CA VAL B 232 9.26 -14.40 11.91
C VAL B 232 8.87 -13.89 10.51
N LEU B 233 7.73 -13.21 10.43
CA LEU B 233 7.27 -12.67 9.16
C LEU B 233 8.17 -11.53 8.65
N ASN B 234 9.03 -11.01 9.52
CA ASN B 234 10.01 -10.00 9.13
C ASN B 234 11.44 -10.55 8.98
N GLY B 235 11.59 -11.88 9.11
CA GLY B 235 12.89 -12.52 8.95
C GLY B 235 13.63 -12.86 10.25
N GLY B 236 13.00 -12.60 11.38
CA GLY B 236 13.59 -12.88 12.67
C GLY B 236 13.39 -14.33 13.06
N LYS B 237 13.93 -14.70 14.22
CA LYS B 237 13.76 -16.05 14.72
C LYS B 237 12.59 -16.10 15.69
N PRO B 238 11.89 -17.25 15.71
CA PRO B 238 10.79 -17.48 16.67
C PRO B 238 11.29 -17.38 18.11
N GLY B 239 10.39 -17.09 19.04
CA GLY B 239 10.78 -16.95 20.43
C GLY B 239 9.60 -16.62 21.35
N PRO B 240 9.81 -16.80 22.67
CA PRO B 240 8.78 -16.56 23.69
C PRO B 240 8.35 -15.10 23.71
N HIS B 241 7.03 -14.87 23.69
CA HIS B 241 6.47 -13.52 23.80
C HIS B 241 5.17 -13.54 24.58
N HIS B 242 4.66 -12.38 24.95
CA HIS B 242 3.47 -12.29 25.79
C HIS B 242 2.18 -11.84 25.08
N ILE B 243 2.20 -11.73 23.75
CA ILE B 243 1.02 -11.25 23.02
C ILE B 243 0.04 -12.39 22.68
N THR B 244 -0.68 -12.85 23.71
CA THR B 244 -1.56 -14.00 23.61
C THR B 244 -2.54 -13.93 22.44
N GLY B 245 -2.52 -14.95 21.58
CA GLY B 245 -3.38 -15.00 20.41
C GLY B 245 -2.64 -14.58 19.16
N ASN B 246 -1.43 -14.07 19.37
CA ASN B 246 -0.63 -13.46 18.32
C ASN B 246 0.73 -14.16 18.20
N GLY B 247 1.34 -14.10 17.03
CA GLY B 247 2.67 -14.65 16.80
C GLY B 247 2.82 -16.12 17.15
N VAL B 248 2.36 -17.01 16.27
CA VAL B 248 2.45 -18.44 16.53
C VAL B 248 3.81 -19.06 16.17
N GLY B 249 4.73 -18.26 15.63
CA GLY B 249 6.10 -18.68 15.42
C GLY B 249 6.44 -19.25 14.06
N PHE B 250 5.48 -19.17 13.13
CA PHE B 250 5.68 -19.65 11.75
C PHE B 250 4.62 -19.02 10.86
N LYS B 251 4.78 -19.16 9.55
CA LYS B 251 3.82 -18.58 8.61
C LYS B 251 2.67 -19.53 8.36
N PRO B 252 1.49 -19.21 8.89
CA PRO B 252 0.32 -20.06 8.64
C PRO B 252 0.02 -20.10 7.14
N ASP B 253 -0.48 -21.23 6.66
CA ASP B 253 -0.75 -21.41 5.23
C ASP B 253 -1.80 -20.45 4.67
N ILE B 254 -2.84 -20.17 5.44
CA ILE B 254 -3.95 -19.35 4.94
C ILE B 254 -3.60 -17.86 4.86
N LEU B 255 -2.50 -17.49 5.52
CA LEU B 255 -2.07 -16.09 5.61
C LEU B 255 -1.61 -15.52 4.28
N ASP B 256 -2.31 -14.48 3.81
CA ASP B 256 -2.02 -13.86 2.52
C ASP B 256 -1.09 -12.65 2.69
N LEU B 257 0.20 -12.88 2.49
CA LEU B 257 1.22 -11.83 2.58
C LEU B 257 1.04 -10.70 1.57
N ASP B 258 0.55 -11.01 0.37
CA ASP B 258 0.47 -10.00 -0.70
C ASP B 258 -0.51 -8.88 -0.38
N VAL B 259 -1.48 -9.14 0.48
CA VAL B 259 -2.51 -8.16 0.74
C VAL B 259 -2.03 -7.08 1.74
N MET B 260 -0.98 -7.39 2.50
CA MET B 260 -0.42 -6.44 3.45
C MET B 260 0.68 -5.52 2.88
N GLU B 261 0.72 -4.28 3.36
CA GLU B 261 1.78 -3.35 3.06
C GLU B 261 3.02 -3.83 3.77
N LYS B 262 2.85 -4.26 5.02
CA LYS B 262 3.95 -4.82 5.78
C LYS B 262 3.43 -5.31 7.11
N VAL B 263 4.30 -5.96 7.87
CA VAL B 263 3.98 -6.46 9.19
C VAL B 263 4.71 -5.62 10.24
N LEU B 264 3.98 -4.83 11.02
CA LEU B 264 4.58 -4.00 12.07
C LEU B 264 4.96 -4.87 13.23
N GLU B 265 6.05 -4.52 13.92
CA GLU B 265 6.42 -5.31 15.10
C GLU B 265 6.12 -4.50 16.36
N VAL B 266 5.58 -5.16 17.38
CA VAL B 266 5.31 -4.49 18.65
C VAL B 266 5.86 -5.32 19.80
N SER B 267 6.61 -4.67 20.70
CA SER B 267 7.18 -5.37 21.84
C SER B 267 6.10 -5.74 22.85
N SER B 268 6.35 -6.79 23.62
CA SER B 268 5.38 -7.23 24.61
C SER B 268 5.17 -6.17 25.69
N GLU B 269 6.25 -5.56 26.16
CA GLU B 269 6.13 -4.50 27.15
C GLU B 269 5.16 -3.41 26.67
N ASP B 270 5.34 -2.94 25.43
CA ASP B 270 4.49 -1.88 24.88
C ASP B 270 3.03 -2.27 24.74
N ALA B 271 2.78 -3.51 24.37
CA ALA B 271 1.43 -3.99 24.16
C ALA B 271 0.73 -4.07 25.50
N VAL B 272 1.47 -4.57 26.48
CA VAL B 272 0.97 -4.64 27.85
C VAL B 272 0.65 -3.26 28.41
N ASN B 273 1.59 -2.32 28.27
CA ASN B 273 1.34 -0.96 28.78
C ASN B 273 0.12 -0.35 28.13
N MET B 274 -0.01 -0.53 26.81
CA MET B 274 -1.17 0.01 26.08
C MET B 274 -2.50 -0.56 26.59
N ALA B 275 -2.52 -1.87 26.83
CA ALA B 275 -3.72 -2.51 27.36
C ALA B 275 -4.12 -1.94 28.73
N ARG B 276 -3.16 -1.65 29.59
CA ARG B 276 -3.48 -1.13 30.92
C ARG B 276 -4.06 0.28 30.80
N VAL B 277 -3.48 1.04 29.88
CA VAL B 277 -3.87 2.41 29.63
C VAL B 277 -5.26 2.48 28.99
N LEU B 278 -5.56 1.52 28.11
CA LEU B 278 -6.90 1.40 27.55
C LEU B 278 -8.00 1.22 28.61
N ALA B 279 -7.71 0.43 29.64
CA ALA B 279 -8.68 0.26 30.69
C ALA B 279 -8.83 1.54 31.54
N LEU B 280 -7.71 2.13 31.90
CA LEU B 280 -7.72 3.28 32.80
C LEU B 280 -8.32 4.53 32.20
N LYS B 281 -8.08 4.76 30.91
CA LYS B 281 -8.50 6.01 30.29
C LYS B 281 -9.71 5.91 29.38
N GLU B 282 -9.86 4.78 28.71
CA GLU B 282 -10.97 4.64 27.78
C GLU B 282 -12.09 3.75 28.30
N GLY B 283 -11.91 3.12 29.45
CA GLY B 283 -12.89 2.17 29.93
C GLY B 283 -12.95 0.87 29.14
N LEU B 284 -11.90 0.55 28.40
CA LEU B 284 -11.88 -0.68 27.63
C LEU B 284 -10.97 -1.71 28.29
N MET B 285 -11.60 -2.71 28.90
CA MET B 285 -10.91 -3.82 29.52
C MET B 285 -10.56 -4.83 28.42
N VAL B 286 -9.37 -4.73 27.85
CA VAL B 286 -9.01 -5.62 26.76
C VAL B 286 -7.69 -6.33 26.98
N GLY B 287 -7.39 -7.30 26.12
CA GLY B 287 -6.20 -8.09 26.28
C GLY B 287 -4.95 -7.51 25.66
N ILE B 288 -3.83 -8.22 25.80
CA ILE B 288 -2.53 -7.76 25.32
C ILE B 288 -2.47 -7.62 23.79
N SER B 289 -3.14 -8.51 23.09
CA SER B 289 -3.29 -8.38 21.65
C SER B 289 -4.05 -7.08 21.25
N SER B 290 -5.08 -6.69 22.01
CA SER B 290 -5.74 -5.42 21.75
C SER B 290 -4.75 -4.29 21.94
N GLY B 291 -3.94 -4.38 22.99
CA GLY B 291 -2.89 -3.40 23.22
C GLY B 291 -1.94 -3.29 22.05
N ALA B 292 -1.42 -4.43 21.58
CA ALA B 292 -0.49 -4.45 20.46
C ALA B 292 -1.11 -3.78 19.24
N ASN B 293 -2.36 -4.11 18.92
CA ASN B 293 -3.01 -3.50 17.76
C ASN B 293 -3.16 -2.00 17.88
N THR B 294 -3.49 -1.54 19.08
CA THR B 294 -3.64 -0.11 19.32
C THR B 294 -2.28 0.64 19.24
N VAL B 295 -1.22 0.00 19.72
CA VAL B 295 0.13 0.57 19.55
C VAL B 295 0.45 0.77 18.08
N ALA B 296 0.26 -0.28 17.29
CA ALA B 296 0.52 -0.22 15.86
C ALA B 296 -0.30 0.90 15.20
N ALA B 297 -1.59 0.98 15.53
CA ALA B 297 -2.48 2.01 15.00
C ALA B 297 -1.96 3.42 15.29
N LEU B 298 -1.53 3.65 16.53
CA LEU B 298 -0.95 4.93 16.90
C LEU B 298 0.36 5.21 16.14
N ARG B 299 1.16 4.17 15.95
CA ARG B 299 2.41 4.28 15.20
C ARG B 299 2.15 4.76 13.75
N LEU B 300 1.12 4.22 13.10
CA LEU B 300 0.74 4.65 11.76
C LEU B 300 0.26 6.11 11.73
N ALA B 301 -0.48 6.50 12.78
CA ALA B 301 -0.98 7.86 12.92
C ALA B 301 0.15 8.88 12.97
N GLN B 302 1.34 8.49 13.45
CA GLN B 302 2.50 9.38 13.46
C GLN B 302 3.00 9.80 12.08
N LEU B 303 2.73 8.98 11.06
CA LEU B 303 3.27 9.22 9.72
C LEU B 303 2.51 10.31 8.95
N PRO B 304 3.24 11.15 8.22
CA PRO B 304 2.68 12.28 7.47
C PRO B 304 1.57 11.89 6.48
N GLU B 305 1.73 10.76 5.80
CA GLU B 305 0.73 10.35 4.81
C GLU B 305 -0.56 9.86 5.45
N ASN B 306 -0.53 9.59 6.75
CA ASN B 306 -1.72 9.08 7.44
C ASN B 306 -2.53 10.10 8.25
N LYS B 307 -2.05 11.34 8.31
CA LYS B 307 -2.78 12.39 8.99
C LYS B 307 -4.13 12.59 8.33
N GLY B 308 -5.17 12.75 9.14
CA GLY B 308 -6.51 12.90 8.61
C GLY B 308 -7.18 11.63 8.10
N LYS B 309 -6.52 10.48 8.24
CA LYS B 309 -7.11 9.23 7.75
C LYS B 309 -7.90 8.50 8.83
N LEU B 310 -8.85 7.69 8.38
CA LEU B 310 -9.57 6.79 9.27
C LEU B 310 -8.85 5.45 9.38
N ILE B 311 -8.21 5.24 10.54
CA ILE B 311 -7.58 3.99 10.89
C ILE B 311 -8.50 3.11 11.75
N VAL B 312 -8.74 1.90 11.28
CA VAL B 312 -9.56 0.95 12.00
C VAL B 312 -8.69 -0.20 12.46
N THR B 313 -8.78 -0.53 13.74
CA THR B 313 -8.18 -1.75 14.24
C THR B 313 -9.17 -2.57 15.08
N VAL B 314 -8.71 -3.65 15.69
CA VAL B 314 -9.60 -4.59 16.36
C VAL B 314 -9.16 -4.84 17.80
N HIS B 315 -10.12 -4.92 18.73
CA HIS B 315 -9.81 -5.46 20.04
C HIS B 315 -10.40 -6.86 20.15
N PRO B 316 -9.59 -7.88 19.86
CA PRO B 316 -10.09 -9.25 19.66
C PRO B 316 -10.70 -9.96 20.87
N SER B 317 -10.47 -9.47 22.09
CA SER B 317 -11.08 -10.12 23.26
C SER B 317 -11.20 -9.26 24.53
N PHE B 318 -12.04 -9.74 25.45
CA PHE B 318 -12.27 -9.11 26.74
C PHE B 318 -11.13 -9.43 27.67
N GLY B 319 -10.64 -8.42 28.40
CA GLY B 319 -9.42 -8.55 29.16
C GLY B 319 -9.51 -9.36 30.43
N GLU B 320 -10.72 -9.50 30.98
CA GLU B 320 -10.91 -10.25 32.22
C GLU B 320 -10.52 -11.73 32.08
N ARG B 321 -10.36 -12.18 30.85
CA ARG B 321 -9.95 -13.55 30.58
C ARG B 321 -8.49 -13.79 30.99
N TYR B 322 -7.72 -12.72 31.08
CA TYR B 322 -6.31 -12.87 31.32
C TYR B 322 -5.86 -12.46 32.72
N LEU B 323 -6.73 -12.67 33.71
CA LEU B 323 -6.45 -12.24 35.08
C LEU B 323 -5.19 -12.86 35.68
N SER B 324 -4.76 -13.98 35.12
CA SER B 324 -3.59 -14.69 35.65
C SER B 324 -2.29 -14.37 34.91
N SER B 325 -2.37 -13.55 33.87
CA SER B 325 -1.20 -13.23 33.06
C SER B 325 -0.43 -11.99 33.52
N VAL B 326 0.65 -11.68 32.80
CA VAL B 326 1.48 -10.53 33.11
C VAL B 326 0.69 -9.22 32.98
N LEU B 327 -0.39 -9.26 32.20
CA LEU B 327 -1.26 -8.09 32.09
C LEU B 327 -1.67 -7.57 33.47
N PHE B 328 -1.99 -8.48 34.39
CA PHE B 328 -2.57 -8.09 35.67
C PHE B 328 -1.60 -8.22 36.83
N GLN B 329 -0.36 -8.51 36.53
CA GLN B 329 0.64 -8.88 37.54
C GLN B 329 0.86 -7.82 38.63
N GLU B 330 1.16 -6.60 38.23
CA GLU B 330 1.33 -5.50 39.19
C GLU B 330 0.11 -5.37 40.10
N LEU B 331 -1.08 -5.42 39.50
CA LEU B 331 -2.33 -5.27 40.25
C LEU B 331 -2.56 -6.42 41.23
N ARG B 332 -2.13 -7.62 40.87
CA ARG B 332 -2.36 -8.79 41.71
C ARG B 332 -1.50 -8.67 42.95
N GLN B 333 -0.26 -8.24 42.77
CA GLN B 333 0.67 -8.07 43.89
C GLN B 333 0.21 -6.97 44.83
N GLU B 334 -0.18 -5.84 44.25
CA GLU B 334 -0.65 -4.72 45.04
C GLU B 334 -1.90 -5.11 45.84
N ALA B 335 -2.78 -5.91 45.23
CA ALA B 335 -3.99 -6.37 45.90
C ALA B 335 -3.69 -7.37 47.02
N GLU B 336 -2.73 -8.26 46.79
CA GLU B 336 -2.28 -9.21 47.82
C GLU B 336 -1.82 -8.47 49.06
N ASN B 337 -1.26 -7.29 48.86
CA ASN B 337 -0.63 -6.55 49.95
C ASN B 337 -1.47 -5.47 50.62
N MET B 338 -2.72 -5.33 50.21
CA MET B 338 -3.59 -4.37 50.88
C MET B 338 -4.04 -4.90 52.23
N GLN B 339 -4.01 -4.04 53.24
CA GLN B 339 -4.46 -4.41 54.57
C GLN B 339 -5.75 -3.69 54.95
N PRO B 340 -6.56 -4.31 55.81
CA PRO B 340 -7.80 -3.70 56.28
C PRO B 340 -7.52 -2.43 57.07
N VAL B 341 -8.47 -1.50 57.12
CA VAL B 341 -8.36 -0.34 58.01
C VAL B 341 -9.43 -0.38 59.09
N ALA B 342 -9.19 0.36 60.16
CA ALA B 342 -10.13 0.39 61.29
C ALA B 342 -11.39 1.15 60.92
N VAL B 343 -12.49 0.78 61.57
CA VAL B 343 -13.76 1.46 61.39
C VAL B 343 -14.28 2.00 62.74
N LEU C 15 -5.01 -9.23 -51.19
CA LEU C 15 -3.79 -8.42 -51.18
C LEU C 15 -3.25 -8.16 -52.59
N TYR C 16 -3.59 -9.04 -53.52
CA TYR C 16 -3.17 -8.89 -54.90
C TYR C 16 -3.61 -7.57 -55.49
N PHE C 17 -4.84 -7.15 -55.18
CA PHE C 17 -5.41 -5.94 -55.76
C PHE C 17 -5.23 -4.71 -54.85
N GLN C 18 -4.58 -4.90 -53.71
CA GLN C 18 -4.41 -3.81 -52.75
C GLN C 18 -3.36 -2.76 -53.17
N GLY C 19 -2.64 -3.01 -54.27
CA GLY C 19 -1.52 -2.17 -54.65
C GLY C 19 -0.37 -2.40 -53.69
N HIS C 20 0.71 -1.64 -53.77
CA HIS C 20 1.79 -1.82 -52.79
C HIS C 20 1.72 -0.87 -51.58
N ALA C 21 0.82 -1.22 -50.65
CA ALA C 21 0.54 -0.40 -49.47
C ALA C 21 0.45 -1.24 -48.19
N SER C 22 0.87 -2.50 -48.26
CA SER C 22 0.87 -3.41 -47.11
C SER C 22 2.11 -3.21 -46.22
N THR C 23 2.20 -2.05 -45.59
CA THR C 23 3.48 -1.58 -45.07
C THR C 23 3.51 -1.29 -43.57
N ASN C 24 4.70 -1.07 -43.05
CA ASN C 24 4.90 -0.79 -41.64
C ASN C 24 5.31 0.65 -41.33
N ILE C 25 5.38 1.48 -42.36
CA ILE C 25 5.79 2.87 -42.25
C ILE C 25 4.71 3.76 -41.58
N LYS C 26 5.09 4.45 -40.51
CA LYS C 26 4.18 5.34 -39.82
C LYS C 26 3.97 6.63 -40.61
N LYS C 27 2.84 7.29 -40.41
CA LYS C 27 2.52 8.50 -41.19
C LYS C 27 3.04 9.74 -40.53
N HIS C 28 2.93 9.80 -39.21
CA HIS C 28 3.41 10.93 -38.44
C HIS C 28 4.35 10.50 -37.33
N VAL C 29 5.34 11.32 -37.05
CA VAL C 29 6.26 11.08 -35.95
C VAL C 29 5.55 10.85 -34.61
N SER C 30 4.40 11.51 -34.43
CA SER C 30 3.68 11.40 -33.17
C SER C 30 3.18 9.97 -32.95
N GLN C 31 3.20 9.14 -33.99
CA GLN C 31 2.77 7.74 -33.83
C GLN C 31 3.88 6.91 -33.21
N LEU C 32 5.03 7.53 -32.99
CA LEU C 32 6.17 6.88 -32.35
C LEU C 32 6.22 7.23 -30.87
N ILE C 33 5.22 7.96 -30.39
CA ILE C 33 5.12 8.23 -28.98
C ILE C 33 4.65 6.96 -28.29
N GLY C 34 5.08 6.77 -27.03
CA GLY C 34 4.65 5.61 -26.22
C GLY C 34 5.29 4.27 -26.56
N ARG C 35 4.77 3.20 -25.94
CA ARG C 35 5.26 1.85 -26.21
C ARG C 35 6.74 1.65 -25.94
N THR C 36 7.23 2.23 -24.85
CA THR C 36 8.65 2.20 -24.52
C THR C 36 8.96 0.93 -23.71
N PRO C 37 10.18 0.40 -23.83
CA PRO C 37 10.57 -0.88 -23.23
C PRO C 37 10.92 -0.83 -21.71
N LEU C 38 10.92 -2.00 -21.06
CA LEU C 38 11.42 -2.11 -19.69
C LEU C 38 12.72 -2.86 -19.74
N VAL C 39 13.66 -2.47 -18.89
CA VAL C 39 14.88 -3.25 -18.80
C VAL C 39 15.25 -3.46 -17.34
N TYR C 40 15.76 -4.64 -17.02
CA TYR C 40 16.26 -4.92 -15.66
C TYR C 40 17.55 -4.20 -15.39
N LEU C 41 17.77 -3.83 -14.13
CA LEU C 41 19.06 -3.40 -13.63
C LEU C 41 19.71 -4.54 -12.90
N ASN C 42 21.01 -4.76 -13.16
CA ASN C 42 21.76 -5.86 -12.55
C ASN C 42 22.99 -5.43 -11.75
N LYS C 43 23.47 -4.22 -12.02
CA LYS C 43 24.73 -3.76 -11.47
C LYS C 43 24.54 -2.84 -10.25
N VAL C 44 23.71 -1.80 -10.38
CA VAL C 44 23.43 -0.96 -9.22
C VAL C 44 22.60 -1.71 -8.16
N THR C 45 22.03 -2.85 -8.54
CA THR C 45 21.16 -3.63 -7.65
C THR C 45 21.83 -4.80 -6.96
N GLU C 46 23.13 -4.96 -7.13
CA GLU C 46 23.82 -6.08 -6.49
C GLU C 46 23.46 -6.18 -5.03
N GLY C 47 22.97 -7.35 -4.63
CA GLY C 47 22.65 -7.65 -3.24
C GLY C 47 21.33 -7.13 -2.70
N CYS C 48 20.58 -6.36 -3.51
CA CYS C 48 19.38 -5.72 -2.98
C CYS C 48 18.21 -6.68 -2.67
N GLY C 49 18.26 -7.89 -3.23
CA GLY C 49 17.23 -8.89 -2.97
C GLY C 49 15.88 -8.74 -3.68
N ALA C 50 15.72 -7.73 -4.54
CA ALA C 50 14.50 -7.58 -5.30
C ALA C 50 14.78 -7.38 -6.80
N TYR C 51 13.82 -7.72 -7.65
CA TYR C 51 13.95 -7.39 -9.06
C TYR C 51 13.62 -5.92 -9.29
N VAL C 52 14.44 -5.23 -10.07
CA VAL C 52 14.17 -3.85 -10.46
C VAL C 52 14.17 -3.73 -11.98
N ALA C 53 13.11 -3.14 -12.51
CA ALA C 53 13.04 -2.95 -13.95
C ALA C 53 12.72 -1.49 -14.18
N VAL C 54 13.30 -0.91 -15.21
CA VAL C 54 13.09 0.50 -15.49
C VAL C 54 12.58 0.77 -16.89
N LYS C 55 11.58 1.63 -16.95
CA LYS C 55 10.91 2.02 -18.17
C LYS C 55 11.69 3.14 -18.81
N GLN C 56 12.10 2.95 -20.06
CA GLN C 56 13.01 3.86 -20.75
C GLN C 56 12.27 4.89 -21.56
N GLU C 57 11.99 6.03 -20.95
CA GLU C 57 11.21 7.05 -21.61
C GLU C 57 12.01 7.92 -22.60
N MET C 58 13.28 7.62 -22.78
CA MET C 58 14.11 8.38 -23.70
C MET C 58 13.85 7.96 -25.15
N MET C 59 13.14 6.84 -25.32
CA MET C 59 12.74 6.36 -26.66
C MET C 59 11.64 7.12 -27.41
N GLN C 60 11.17 8.20 -26.81
CA GLN C 60 10.22 9.10 -27.43
C GLN C 60 10.87 10.05 -28.43
N PRO C 61 10.06 10.62 -29.34
CA PRO C 61 10.57 11.58 -30.33
C PRO C 61 11.33 12.76 -29.73
N THR C 62 10.99 13.25 -28.54
CA THR C 62 11.82 14.27 -27.91
C THR C 62 12.59 13.75 -26.70
N ALA C 63 12.68 12.42 -26.60
CA ALA C 63 13.49 11.81 -25.55
C ALA C 63 13.04 12.16 -24.13
N SER C 64 11.75 12.34 -23.91
CA SER C 64 11.26 12.49 -22.54
C SER C 64 9.83 11.99 -22.43
N ILE C 65 9.40 11.71 -21.20
CA ILE C 65 8.05 11.21 -20.96
C ILE C 65 7.01 12.33 -21.10
N LYS C 66 7.49 13.54 -21.41
CA LYS C 66 6.61 14.69 -21.57
C LYS C 66 5.82 14.60 -22.87
N ASP C 67 6.33 13.82 -23.82
CA ASP C 67 5.68 13.65 -25.11
C ASP C 67 4.24 13.15 -24.94
N ARG C 68 4.04 12.26 -23.97
CA ARG C 68 2.73 11.70 -23.70
C ARG C 68 1.66 12.73 -23.31
N PRO C 69 1.87 13.46 -22.21
CA PRO C 69 0.78 14.37 -21.78
C PRO C 69 0.64 15.57 -22.72
N ALA C 70 1.75 16.01 -23.33
CA ALA C 70 1.69 17.05 -24.35
C ALA C 70 0.77 16.63 -25.49
N TYR C 71 1.02 15.48 -26.10
CA TYR C 71 0.10 14.95 -27.12
C TYR C 71 -1.34 14.85 -26.63
N ALA C 72 -1.53 14.38 -25.39
CA ALA C 72 -2.85 14.15 -24.84
C ALA C 72 -3.60 15.44 -24.50
N MET C 73 -2.90 16.42 -23.95
CA MET C 73 -3.58 17.65 -23.59
C MET C 73 -4.09 18.41 -24.82
N ILE C 74 -3.36 18.29 -25.92
CA ILE C 74 -3.70 18.99 -27.15
C ILE C 74 -4.73 18.21 -27.96
N THR C 75 -4.64 16.89 -27.93
CA THR C 75 -5.64 16.09 -28.63
C THR C 75 -6.99 16.19 -27.90
N ASP C 76 -6.95 16.23 -26.58
CA ASP C 76 -8.18 16.34 -25.79
C ASP C 76 -8.90 17.66 -26.06
N ALA C 77 -8.14 18.73 -26.25
CA ALA C 77 -8.74 20.04 -26.52
C ALA C 77 -9.35 20.10 -27.92
N GLU C 78 -8.78 19.36 -28.86
CA GLU C 78 -9.32 19.27 -30.22
C GLU C 78 -10.62 18.46 -30.25
N GLU C 79 -10.68 17.39 -29.47
CA GLU C 79 -11.86 16.56 -29.42
C GLU C 79 -13.00 17.24 -28.67
N LYS C 80 -12.67 18.17 -27.77
CA LYS C 80 -13.70 18.94 -27.09
C LYS C 80 -13.99 20.23 -27.84
N ASN C 81 -13.37 20.38 -29.01
CA ASN C 81 -13.58 21.53 -29.88
C ASN C 81 -13.30 22.90 -29.24
N LEU C 82 -12.33 22.95 -28.34
CA LEU C 82 -11.93 24.20 -27.70
C LEU C 82 -10.91 24.93 -28.56
N ILE C 83 -10.31 24.20 -29.50
CA ILE C 83 -9.25 24.74 -30.35
C ILE C 83 -9.25 24.05 -31.73
N THR C 84 -8.87 24.78 -32.78
CA THR C 84 -8.36 24.13 -33.99
C THR C 84 -7.15 24.88 -34.57
N PRO C 85 -6.35 24.18 -35.38
CA PRO C 85 -5.06 24.65 -35.90
C PRO C 85 -5.19 25.80 -36.89
N GLY C 86 -4.27 26.77 -36.77
CA GLY C 86 -4.27 27.92 -37.64
C GLY C 86 -4.97 29.13 -37.03
N LYS C 87 -5.88 28.89 -36.09
CA LYS C 87 -6.65 29.97 -35.47
C LYS C 87 -6.26 30.17 -34.02
N THR C 88 -6.23 29.08 -33.25
CA THR C 88 -5.96 29.16 -31.82
C THR C 88 -4.49 29.45 -31.53
N THR C 89 -4.25 30.14 -30.42
CA THR C 89 -2.91 30.39 -29.93
C THR C 89 -2.74 29.71 -28.57
N LEU C 90 -1.88 28.68 -28.54
CA LEU C 90 -1.64 27.92 -27.32
C LEU C 90 -0.63 28.63 -26.45
N ILE C 91 -0.98 28.79 -25.19
CA ILE C 91 -0.17 29.53 -24.26
C ILE C 91 0.08 28.66 -23.04
N GLU C 92 1.34 28.59 -22.62
CA GLU C 92 1.67 27.82 -21.45
C GLU C 92 2.85 28.44 -20.74
N PRO C 93 2.73 28.59 -19.42
CA PRO C 93 3.86 29.06 -18.60
C PRO C 93 4.73 27.90 -18.14
N THR C 94 5.51 27.32 -19.04
CA THR C 94 6.42 26.24 -18.65
C THR C 94 7.75 26.28 -19.39
N SER C 95 8.67 25.46 -18.91
CA SER C 95 9.92 25.25 -19.62
C SER C 95 10.30 23.82 -19.27
N GLY C 96 11.52 23.43 -19.64
CA GLY C 96 12.02 22.10 -19.32
C GLY C 96 11.46 21.14 -20.34
N ASN C 97 11.21 19.91 -19.91
CA ASN C 97 10.78 18.90 -20.84
C ASN C 97 9.39 19.15 -21.41
N MET C 98 8.49 19.71 -20.59
CA MET C 98 7.14 20.01 -21.04
C MET C 98 7.11 21.10 -22.13
N GLY C 99 7.94 22.12 -21.97
CA GLY C 99 8.06 23.15 -22.97
C GLY C 99 8.51 22.61 -24.31
N ILE C 100 9.54 21.77 -24.29
CA ILE C 100 10.04 21.10 -25.49
C ILE C 100 9.00 20.21 -26.18
N SER C 101 8.26 19.43 -25.41
CA SER C 101 7.28 18.51 -25.98
C SER C 101 6.08 19.26 -26.53
N MET C 102 5.69 20.33 -25.85
CA MET C 102 4.61 21.17 -26.34
C MET C 102 5.03 21.90 -27.60
N ALA C 103 6.23 22.48 -27.60
CA ALA C 103 6.69 23.11 -28.83
C ALA C 103 6.65 22.07 -29.95
N PHE C 104 7.12 20.86 -29.66
CA PHE C 104 7.13 19.76 -30.62
C PHE C 104 5.72 19.36 -31.10
N MET C 105 4.77 19.24 -30.18
CA MET C 105 3.39 18.89 -30.54
C MET C 105 2.65 20.02 -31.26
N ALA C 106 3.02 21.26 -30.96
CA ALA C 106 2.40 22.39 -31.64
C ALA C 106 2.82 22.40 -33.11
N ALA C 107 4.13 22.39 -33.33
CA ALA C 107 4.69 22.28 -34.68
C ALA C 107 4.08 21.12 -35.46
N MET C 108 3.78 20.05 -34.75
CA MET C 108 3.24 18.84 -35.37
C MET C 108 1.84 19.08 -35.93
N LYS C 109 0.98 19.67 -35.12
CA LYS C 109 -0.43 19.80 -35.46
C LYS C 109 -0.79 21.15 -36.10
N GLY C 110 0.19 22.05 -36.20
CA GLY C 110 -0.06 23.36 -36.77
C GLY C 110 -0.71 24.36 -35.83
N TYR C 111 -0.23 24.43 -34.60
CA TYR C 111 -0.68 25.46 -33.64
C TYR C 111 0.45 26.43 -33.36
N LYS C 112 0.11 27.71 -33.21
CA LYS C 112 1.08 28.67 -32.72
C LYS C 112 1.25 28.42 -31.23
N MET C 113 2.50 28.30 -30.78
CA MET C 113 2.79 28.02 -29.38
C MET C 113 3.52 29.20 -28.73
N VAL C 114 2.87 29.80 -27.73
CA VAL C 114 3.54 30.80 -26.90
C VAL C 114 3.89 30.23 -25.52
N LEU C 115 5.18 30.31 -25.16
CA LEU C 115 5.63 29.80 -23.88
C LEU C 115 6.25 30.92 -23.08
N THR C 116 5.93 30.98 -21.79
CA THR C 116 6.54 31.99 -20.94
C THR C 116 7.49 31.37 -19.91
N MET C 117 8.54 32.10 -19.56
CA MET C 117 9.51 31.59 -18.61
C MET C 117 10.45 32.69 -18.12
N PRO C 118 11.03 32.49 -16.94
CA PRO C 118 12.03 33.41 -16.37
C PRO C 118 13.22 33.65 -17.29
N SER C 119 13.89 34.76 -17.05
CA SER C 119 15.02 35.18 -17.84
C SER C 119 16.19 34.23 -17.62
N TYR C 120 16.17 33.52 -16.49
CA TYR C 120 17.27 32.62 -16.15
C TYR C 120 17.13 31.19 -16.69
N THR C 121 16.15 30.98 -17.54
CA THR C 121 15.95 29.69 -18.15
C THR C 121 17.14 29.37 -19.03
N SER C 122 17.55 28.12 -19.05
CA SER C 122 18.73 27.71 -19.77
C SER C 122 18.60 27.96 -21.23
N LEU C 123 19.68 28.44 -21.82
CA LEU C 123 19.69 28.75 -23.21
C LEU C 123 19.49 27.54 -24.09
N GLU C 124 20.15 26.46 -23.74
CA GLU C 124 20.01 25.23 -24.53
C GLU C 124 18.55 24.82 -24.63
N ARG C 125 17.88 24.91 -23.49
CA ARG C 125 16.48 24.52 -23.40
C ARG C 125 15.65 25.46 -24.27
N ARG C 126 15.96 26.75 -24.21
CA ARG C 126 15.22 27.75 -24.97
C ARG C 126 15.48 27.58 -26.46
N VAL C 127 16.72 27.25 -26.81
CA VAL C 127 17.10 27.04 -28.19
C VAL C 127 16.36 25.87 -28.83
N THR C 128 16.16 24.79 -28.05
CA THR C 128 15.42 23.61 -28.52
C THR C 128 13.96 23.93 -28.82
N MET C 129 13.28 24.57 -27.86
CA MET C 129 11.89 25.01 -28.02
C MET C 129 11.72 25.89 -29.25
N ARG C 130 12.64 26.83 -29.43
CA ARG C 130 12.67 27.70 -30.61
C ARG C 130 12.83 26.91 -31.90
N ALA C 131 13.58 25.82 -31.87
CA ALA C 131 13.85 25.08 -33.10
C ALA C 131 12.58 24.40 -33.64
N PHE C 132 11.62 24.13 -32.75
CA PHE C 132 10.32 23.61 -33.14
C PHE C 132 9.34 24.72 -33.51
N GLY C 133 9.74 25.97 -33.28
CA GLY C 133 8.99 27.12 -33.75
C GLY C 133 8.20 27.89 -32.71
N ALA C 134 8.27 27.45 -31.45
CA ALA C 134 7.59 28.15 -30.38
C ALA C 134 8.09 29.57 -30.22
N GLU C 135 7.19 30.50 -29.93
CA GLU C 135 7.60 31.86 -29.57
C GLU C 135 7.83 31.89 -28.06
N LEU C 136 8.99 32.37 -27.62
CA LEU C 136 9.27 32.42 -26.19
C LEU C 136 9.11 33.82 -25.63
N ILE C 137 8.57 33.93 -24.43
CA ILE C 137 8.49 35.20 -23.74
C ILE C 137 9.16 35.08 -22.38
N LEU C 138 10.22 35.86 -22.17
CA LEU C 138 10.97 35.79 -20.92
C LEU C 138 10.42 36.82 -19.94
N THR C 139 10.40 36.49 -18.65
CA THR C 139 9.89 37.42 -17.65
C THR C 139 10.92 37.77 -16.58
N ASP C 140 10.50 38.63 -15.65
CA ASP C 140 11.36 39.12 -14.59
C ASP C 140 11.84 37.98 -13.70
N PRO C 141 13.17 37.85 -13.53
CA PRO C 141 13.79 36.83 -12.69
C PRO C 141 13.29 36.89 -11.25
N ALA C 142 13.08 38.09 -10.72
CA ALA C 142 12.58 38.28 -9.36
C ALA C 142 11.26 37.57 -9.11
N LYS C 143 10.33 37.68 -10.06
CA LYS C 143 9.01 37.10 -9.91
C LYS C 143 9.04 35.57 -10.01
N GLY C 144 10.06 35.03 -10.66
CA GLY C 144 10.21 33.59 -10.79
C GLY C 144 9.04 32.94 -11.49
N MET C 145 8.66 31.73 -11.06
CA MET C 145 7.55 31.02 -11.68
C MET C 145 6.23 31.81 -11.55
N GLY C 146 6.09 32.53 -10.45
CA GLY C 146 4.90 33.35 -10.23
C GLY C 146 4.68 34.38 -11.31
N GLY C 147 5.75 35.12 -11.63
CA GLY C 147 5.71 36.11 -12.70
C GLY C 147 5.41 35.53 -14.07
N THR C 148 5.95 34.35 -14.34
CA THR C 148 5.69 33.65 -15.58
C THR C 148 4.20 33.34 -15.79
N VAL C 149 3.54 32.88 -14.73
CA VAL C 149 2.12 32.52 -14.79
C VAL C 149 1.24 33.77 -14.90
N LYS C 150 1.50 34.74 -14.03
CA LYS C 150 0.77 36.00 -14.07
C LYS C 150 0.88 36.54 -15.48
N LYS C 151 2.09 36.52 -16.02
CA LYS C 151 2.36 36.97 -17.37
C LYS C 151 1.55 36.19 -18.42
N ALA C 152 1.42 34.88 -18.21
CA ALA C 152 0.76 34.01 -19.16
C ALA C 152 -0.73 34.30 -19.23
N TYR C 153 -1.33 34.59 -18.07
CA TYR C 153 -2.75 34.89 -18.00
C TYR C 153 -3.06 36.25 -18.64
N GLU C 154 -2.16 37.21 -18.44
CA GLU C 154 -2.25 38.47 -19.19
C GLU C 154 -2.37 38.18 -20.68
N LEU C 155 -1.51 37.31 -21.18
CA LEU C 155 -1.52 36.94 -22.60
C LEU C 155 -2.84 36.30 -23.03
N LEU C 156 -3.37 35.42 -22.19
CA LEU C 156 -4.59 34.69 -22.52
C LEU C 156 -5.74 35.65 -22.78
N GLU C 157 -5.89 36.64 -21.90
CA GLU C 157 -7.02 37.55 -21.97
C GLU C 157 -6.83 38.69 -22.97
N ASN C 158 -5.59 39.01 -23.29
CA ASN C 158 -5.28 40.08 -24.25
C ASN C 158 -5.11 39.56 -25.67
N THR C 159 -5.29 38.26 -25.86
CA THR C 159 -5.14 37.66 -27.19
C THR C 159 -6.46 37.04 -27.64
N PRO C 160 -6.82 37.27 -28.90
CA PRO C 160 -8.00 36.62 -29.49
C PRO C 160 -7.68 35.15 -29.78
N ASN C 161 -8.58 34.25 -29.42
CA ASN C 161 -8.44 32.83 -29.74
C ASN C 161 -7.29 32.14 -28.99
N ALA C 162 -6.98 32.64 -27.80
CA ALA C 162 -5.92 32.05 -27.00
C ALA C 162 -6.49 30.95 -26.09
N HIS C 163 -5.74 29.85 -25.97
CA HIS C 163 -6.13 28.77 -25.05
C HIS C 163 -4.93 28.31 -24.22
N MET C 164 -5.13 28.22 -22.91
CA MET C 164 -4.06 27.80 -22.00
C MET C 164 -4.28 26.34 -21.60
N LEU C 165 -3.27 25.52 -21.77
CA LEU C 165 -3.33 24.08 -21.45
C LEU C 165 -3.37 23.64 -19.98
N GLN C 166 -2.64 24.30 -19.12
CA GLN C 166 -2.69 24.01 -17.70
C GLN C 166 -2.32 22.65 -17.15
N GLN C 167 -1.13 22.22 -17.44
CA GLN C 167 -0.68 20.89 -17.09
C GLN C 167 -0.89 20.46 -15.66
N PHE C 168 -1.00 21.39 -14.74
CA PHE C 168 -1.14 20.98 -13.34
C PHE C 168 -2.58 20.66 -12.93
N SER C 169 -3.55 21.10 -13.71
CA SER C 169 -4.95 20.84 -13.36
C SER C 169 -5.75 20.18 -14.48
N ASN C 170 -5.07 19.89 -15.57
CA ASN C 170 -5.70 19.26 -16.72
C ASN C 170 -5.70 17.73 -16.58
N PRO C 171 -6.89 17.11 -16.47
CA PRO C 171 -6.97 15.68 -16.18
C PRO C 171 -6.50 14.80 -17.34
N ALA C 172 -6.36 15.38 -18.52
CA ALA C 172 -5.89 14.63 -19.68
C ALA C 172 -4.43 14.23 -19.48
N ASN C 173 -3.76 15.00 -18.63
CA ASN C 173 -2.41 14.65 -18.20
C ASN C 173 -2.42 13.29 -17.49
N THR C 174 -3.22 13.19 -16.44
CA THR C 174 -3.38 11.96 -15.69
C THR C 174 -3.88 10.83 -16.62
N GLN C 175 -4.87 11.14 -17.43
CA GLN C 175 -5.56 10.14 -18.23
C GLN C 175 -4.64 9.44 -19.23
N VAL C 176 -3.69 10.16 -19.83
CA VAL C 176 -2.78 9.51 -20.78
C VAL C 176 -1.95 8.40 -20.11
N HIS C 177 -1.54 8.62 -18.87
CA HIS C 177 -0.77 7.61 -18.16
C HIS C 177 -1.65 6.45 -17.71
N PHE C 178 -2.94 6.72 -17.52
CA PHE C 178 -3.88 5.67 -17.17
C PHE C 178 -4.18 4.78 -18.38
N GLU C 179 -4.07 5.34 -19.60
CA GLU C 179 -4.37 4.58 -20.82
C GLU C 179 -3.16 4.05 -21.60
N THR C 180 -1.99 4.59 -21.34
CA THR C 180 -0.81 4.14 -22.06
C THR C 180 0.42 3.71 -21.28
N THR C 181 0.83 4.51 -20.29
CA THR C 181 2.04 4.24 -19.52
C THR C 181 1.69 3.05 -18.59
N GLY C 182 0.58 3.16 -17.87
CA GLY C 182 0.16 2.12 -16.94
C GLY C 182 -0.05 0.77 -17.62
N PRO C 183 -0.98 0.74 -18.59
CA PRO C 183 -1.26 -0.50 -19.33
C PRO C 183 0.01 -1.09 -19.96
N GLU C 184 0.90 -0.27 -20.47
CA GLU C 184 2.18 -0.78 -21.02
C GLU C 184 2.98 -1.53 -19.97
N ILE C 185 3.01 -0.99 -18.75
CA ILE C 185 3.76 -1.60 -17.66
C ILE C 185 3.10 -2.93 -17.26
N TRP C 186 1.78 -2.95 -17.20
CA TRP C 186 1.06 -4.18 -16.84
C TRP C 186 1.32 -5.30 -17.85
N GLU C 187 1.26 -4.95 -19.13
CA GLU C 187 1.48 -5.92 -20.20
C GLU C 187 2.92 -6.45 -20.27
N ASP C 188 3.90 -5.55 -20.19
CA ASP C 188 5.30 -5.97 -20.28
C ASP C 188 5.81 -6.74 -19.06
N THR C 189 5.15 -6.59 -17.91
CA THR C 189 5.52 -7.41 -16.76
C THR C 189 4.58 -8.59 -16.66
N ASN C 190 3.73 -8.74 -17.66
CA ASN C 190 2.80 -9.87 -17.65
C ASN C 190 2.05 -9.93 -16.31
N GLY C 191 1.58 -8.78 -15.82
CA GLY C 191 0.79 -8.72 -14.60
C GLY C 191 1.58 -9.01 -13.33
N GLN C 192 2.90 -8.94 -13.41
CA GLN C 192 3.72 -9.32 -12.26
C GLN C 192 4.27 -8.17 -11.41
N VAL C 193 4.13 -6.92 -11.88
CA VAL C 193 4.60 -5.78 -11.09
C VAL C 193 3.96 -5.75 -9.68
N ASP C 194 4.80 -5.60 -8.67
CA ASP C 194 4.32 -5.53 -7.28
C ASP C 194 4.41 -4.10 -6.76
N ILE C 195 5.41 -3.35 -7.23
CA ILE C 195 5.67 -2.02 -6.72
C ILE C 195 5.99 -1.09 -7.88
N PHE C 196 5.46 0.12 -7.84
CA PHE C 196 5.78 1.10 -8.85
C PHE C 196 6.21 2.42 -8.19
N VAL C 197 7.38 2.93 -8.57
CA VAL C 197 7.94 4.13 -7.95
C VAL C 197 8.13 5.16 -9.02
N MET C 198 7.74 6.40 -8.74
CA MET C 198 7.90 7.46 -9.72
C MET C 198 8.01 8.84 -9.08
N GLY C 199 8.90 9.66 -9.60
CA GLY C 199 9.00 11.03 -9.13
C GLY C 199 7.75 11.82 -9.45
N ILE C 200 7.43 12.78 -8.59
CA ILE C 200 6.25 13.61 -8.79
C ILE C 200 6.62 14.99 -9.35
N GLY C 201 6.02 15.36 -10.48
CA GLY C 201 6.17 16.70 -11.03
C GLY C 201 4.82 17.41 -11.06
N SER C 202 4.05 17.16 -12.11
CA SER C 202 2.63 17.51 -12.12
C SER C 202 1.84 16.45 -11.36
N GLY C 203 2.41 15.26 -11.23
CA GLY C 203 1.73 14.16 -10.56
C GLY C 203 0.93 13.31 -11.52
N GLY C 204 0.89 13.72 -12.77
CA GLY C 204 0.19 12.94 -13.78
C GLY C 204 0.64 11.49 -13.89
N THR C 205 1.93 11.23 -13.97
CA THR C 205 2.38 9.87 -14.22
C THR C 205 2.04 8.96 -13.05
N VAL C 206 2.51 9.33 -11.86
CA VAL C 206 2.27 8.50 -10.70
C VAL C 206 0.75 8.28 -10.44
N SER C 207 -0.08 9.28 -10.71
CA SER C 207 -1.52 9.16 -10.48
C SER C 207 -2.22 8.25 -11.49
N GLY C 208 -1.89 8.42 -12.76
CA GLY C 208 -2.47 7.64 -13.84
C GLY C 208 -2.01 6.19 -13.83
N VAL C 209 -0.72 5.96 -13.66
CA VAL C 209 -0.23 4.59 -13.53
C VAL C 209 -0.76 3.94 -12.26
N GLY C 210 -0.74 4.68 -11.16
CA GLY C 210 -1.26 4.17 -9.90
C GLY C 210 -2.69 3.66 -10.04
N GLN C 211 -3.56 4.53 -10.52
CA GLN C 211 -4.95 4.17 -10.68
C GLN C 211 -5.09 2.94 -11.57
N TYR C 212 -4.31 2.88 -12.63
CA TYR C 212 -4.49 1.79 -13.55
C TYR C 212 -4.05 0.47 -12.96
N LEU C 213 -2.84 0.46 -12.41
CA LEU C 213 -2.28 -0.75 -11.83
C LEU C 213 -3.13 -1.23 -10.67
N LYS C 214 -3.60 -0.30 -9.84
CA LYS C 214 -4.46 -0.67 -8.72
C LYS C 214 -5.75 -1.32 -9.21
N SER C 215 -6.20 -0.91 -10.38
CA SER C 215 -7.45 -1.44 -10.95
C SER C 215 -7.27 -2.86 -11.50
N LYS C 216 -6.03 -3.22 -11.82
CA LYS C 216 -5.71 -4.58 -12.27
C LYS C 216 -5.41 -5.53 -11.12
N ASN C 217 -4.71 -5.01 -10.11
CA ASN C 217 -4.37 -5.78 -8.92
C ASN C 217 -4.26 -4.83 -7.74
N PRO C 218 -5.25 -4.86 -6.84
CA PRO C 218 -5.33 -3.90 -5.72
C PRO C 218 -4.14 -4.00 -4.75
N ASN C 219 -3.43 -5.11 -4.78
CA ASN C 219 -2.24 -5.29 -3.95
C ASN C 219 -0.99 -4.52 -4.39
N VAL C 220 -0.99 -4.01 -5.62
CA VAL C 220 0.16 -3.25 -6.11
C VAL C 220 0.42 -2.00 -5.25
N LYS C 221 1.68 -1.75 -4.90
CA LYS C 221 2.00 -0.58 -4.10
C LYS C 221 2.63 0.53 -4.95
N ILE C 222 2.13 1.76 -4.76
CA ILE C 222 2.54 2.94 -5.50
C ILE C 222 3.25 3.95 -4.60
N TYR C 223 4.46 4.33 -4.97
CA TYR C 223 5.22 5.31 -4.23
C TYR C 223 5.60 6.47 -5.13
N GLY C 224 5.36 7.68 -4.63
CA GLY C 224 5.90 8.88 -5.27
C GLY C 224 7.23 9.23 -4.64
N VAL C 225 7.99 10.09 -5.31
CA VAL C 225 9.30 10.50 -4.85
C VAL C 225 9.44 12.02 -4.93
N GLU C 226 10.04 12.63 -3.91
CA GLU C 226 10.27 14.08 -3.96
C GLU C 226 11.64 14.43 -3.39
N PRO C 227 12.16 15.61 -3.76
CA PRO C 227 13.44 16.06 -3.22
C PRO C 227 13.29 16.29 -1.73
N SER C 228 14.25 15.85 -0.93
CA SER C 228 14.20 16.08 0.52
C SER C 228 14.50 17.53 0.88
N GLU C 229 15.04 18.28 -0.06
CA GLU C 229 15.21 19.72 0.13
C GLU C 229 13.93 20.52 -0.12
N SER C 230 12.91 19.89 -0.68
CA SER C 230 11.64 20.53 -0.93
C SER C 230 10.50 19.55 -0.75
N ASN C 231 10.34 19.06 0.45
CA ASN C 231 9.39 17.99 0.74
C ASN C 231 8.02 18.48 1.19
N VAL C 232 7.34 19.22 0.32
CA VAL C 232 6.05 19.81 0.68
C VAL C 232 4.92 18.80 0.91
N LEU C 233 5.05 17.62 0.30
CA LEU C 233 4.00 16.59 0.41
C LEU C 233 4.15 15.77 1.69
N ASN C 234 5.28 15.94 2.37
CA ASN C 234 5.46 15.34 3.69
C ASN C 234 5.38 16.37 4.81
N GLY C 235 4.92 17.57 4.47
CA GLY C 235 4.71 18.64 5.43
C GLY C 235 5.84 19.64 5.52
N GLY C 236 6.86 19.48 4.66
CA GLY C 236 8.01 20.35 4.68
C GLY C 236 7.77 21.66 3.95
N LYS C 237 8.74 22.57 4.04
CA LYS C 237 8.69 23.86 3.34
C LYS C 237 9.31 23.75 1.95
N PRO C 238 8.79 24.54 0.99
CA PRO C 238 9.36 24.53 -0.36
C PRO C 238 10.77 25.09 -0.36
N GLY C 239 11.57 24.67 -1.33
CA GLY C 239 12.95 25.11 -1.41
C GLY C 239 13.58 24.76 -2.73
N PRO C 240 14.75 25.35 -3.02
CA PRO C 240 15.54 25.10 -4.22
C PRO C 240 16.18 23.72 -4.18
N HIS C 241 16.11 22.99 -5.29
CA HIS C 241 16.72 21.66 -5.37
C HIS C 241 17.20 21.39 -6.78
N HIS C 242 17.90 20.26 -6.95
CA HIS C 242 18.53 19.93 -8.21
C HIS C 242 17.81 18.86 -9.04
N ILE C 243 16.78 18.26 -8.46
CA ILE C 243 16.10 17.15 -9.14
C ILE C 243 15.13 17.65 -10.20
N THR C 244 15.67 17.87 -11.40
CA THR C 244 14.96 18.54 -12.48
C THR C 244 13.77 17.73 -13.02
N GLY C 245 12.63 18.40 -13.17
CA GLY C 245 11.39 17.76 -13.59
C GLY C 245 10.56 17.36 -12.38
N ASN C 246 11.21 17.36 -11.23
CA ASN C 246 10.62 16.88 -9.99
C ASN C 246 10.48 18.04 -8.98
N GLY C 247 9.54 17.92 -8.05
CA GLY C 247 9.40 18.86 -6.93
C GLY C 247 9.11 20.32 -7.25
N VAL C 248 7.89 20.61 -7.67
CA VAL C 248 7.53 21.97 -8.07
C VAL C 248 7.26 22.93 -6.90
N GLY C 249 7.25 22.42 -5.67
CA GLY C 249 7.12 23.26 -4.48
C GLY C 249 5.72 23.48 -3.94
N PHE C 250 4.71 22.95 -4.65
CA PHE C 250 3.31 22.96 -4.19
C PHE C 250 2.66 21.64 -4.61
N LYS C 251 1.43 21.40 -4.15
CA LYS C 251 0.71 20.19 -4.53
C LYS C 251 -0.18 20.44 -5.73
N PRO C 252 0.18 19.84 -6.88
CA PRO C 252 -0.62 20.05 -8.09
C PRO C 252 -2.02 19.42 -7.95
N ASP C 253 -3.02 20.07 -8.53
CA ASP C 253 -4.41 19.63 -8.41
C ASP C 253 -4.68 18.21 -8.91
N ILE C 254 -4.02 17.81 -10.00
CA ILE C 254 -4.32 16.53 -10.59
C ILE C 254 -3.72 15.38 -9.79
N LEU C 255 -2.85 15.71 -8.84
CA LEU C 255 -2.13 14.69 -8.05
C LEU C 255 -3.02 13.97 -7.03
N ASP C 256 -3.08 12.65 -7.14
CA ASP C 256 -3.94 11.83 -6.31
C ASP C 256 -3.17 11.22 -5.15
N LEU C 257 -3.22 11.87 -4.00
CA LEU C 257 -2.59 11.37 -2.80
C LEU C 257 -3.04 9.98 -2.34
N ASP C 258 -4.33 9.70 -2.45
CA ASP C 258 -4.85 8.46 -1.87
C ASP C 258 -4.29 7.21 -2.55
N VAL C 259 -3.82 7.36 -3.79
CA VAL C 259 -3.32 6.22 -4.54
C VAL C 259 -1.90 5.84 -4.13
N MET C 260 -1.18 6.75 -3.48
CA MET C 260 0.15 6.41 -2.98
C MET C 260 0.16 5.84 -1.55
N GLU C 261 1.02 4.85 -1.32
CA GLU C 261 1.22 4.37 0.03
C GLU C 261 1.94 5.48 0.77
N LYS C 262 2.83 6.18 0.06
CA LYS C 262 3.51 7.36 0.60
C LYS C 262 4.42 8.03 -0.43
N VAL C 263 4.99 9.18 -0.05
CA VAL C 263 5.97 9.87 -0.87
C VAL C 263 7.34 9.74 -0.24
N LEU C 264 8.27 9.09 -0.95
CA LEU C 264 9.64 8.94 -0.49
C LEU C 264 10.44 10.22 -0.78
N GLU C 265 11.38 10.55 0.09
CA GLU C 265 12.25 11.70 -0.11
C GLU C 265 13.65 11.25 -0.52
N VAL C 266 14.19 11.87 -1.57
CA VAL C 266 15.56 11.59 -2.01
C VAL C 266 16.31 12.90 -2.11
N SER C 267 17.51 12.94 -1.57
CA SER C 267 18.27 14.18 -1.63
C SER C 267 18.87 14.36 -3.01
N SER C 268 19.08 15.62 -3.39
CA SER C 268 19.72 15.94 -4.66
C SER C 268 21.08 15.24 -4.82
N GLU C 269 21.91 15.29 -3.80
CA GLU C 269 23.21 14.65 -3.87
C GLU C 269 23.06 13.16 -4.25
N ASP C 270 22.15 12.47 -3.56
CA ASP C 270 21.94 11.04 -3.80
C ASP C 270 21.48 10.75 -5.21
N ALA C 271 20.55 11.58 -5.69
CA ALA C 271 20.00 11.44 -7.03
C ALA C 271 21.11 11.66 -8.05
N VAL C 272 21.93 12.69 -7.83
CA VAL C 272 23.04 12.99 -8.73
C VAL C 272 24.07 11.85 -8.79
N ASN C 273 24.45 11.33 -7.63
CA ASN C 273 25.41 10.22 -7.58
C ASN C 273 24.85 8.99 -8.32
N MET C 274 23.58 8.69 -8.10
CA MET C 274 22.98 7.52 -8.73
C MET C 274 22.91 7.67 -10.25
N ALA C 275 22.64 8.87 -10.74
CA ALA C 275 22.61 9.05 -12.18
C ALA C 275 23.99 8.80 -12.83
N ARG C 276 25.04 9.23 -12.13
CA ARG C 276 26.41 9.09 -12.64
C ARG C 276 26.76 7.60 -12.73
N VAL C 277 26.50 6.88 -11.64
CA VAL C 277 26.71 5.45 -11.55
C VAL C 277 25.88 4.65 -12.58
N LEU C 278 24.66 5.08 -12.87
CA LEU C 278 23.85 4.45 -13.91
C LEU C 278 24.55 4.48 -15.27
N ALA C 279 25.21 5.60 -15.60
CA ALA C 279 25.93 5.69 -16.86
C ALA C 279 27.16 4.79 -16.84
N LEU C 280 27.94 4.89 -15.77
CA LEU C 280 29.18 4.14 -15.63
C LEU C 280 29.02 2.62 -15.63
N LYS C 281 27.99 2.11 -14.95
CA LYS C 281 27.89 0.67 -14.74
C LYS C 281 26.79 -0.01 -15.56
N GLU C 282 25.70 0.71 -15.82
CA GLU C 282 24.63 0.13 -16.61
C GLU C 282 24.67 0.58 -18.06
N GLY C 283 25.45 1.61 -18.38
CA GLY C 283 25.44 2.16 -19.73
C GLY C 283 24.17 2.94 -20.01
N LEU C 284 23.58 3.45 -18.96
CA LEU C 284 22.33 4.18 -19.08
C LEU C 284 22.58 5.66 -18.78
N MET C 285 22.56 6.48 -19.82
CA MET C 285 22.76 7.90 -19.60
C MET C 285 21.43 8.59 -19.32
N VAL C 286 21.14 8.86 -18.04
CA VAL C 286 19.85 9.41 -17.68
C VAL C 286 19.96 10.67 -16.83
N GLY C 287 18.83 11.33 -16.61
CA GLY C 287 18.82 12.56 -15.81
C GLY C 287 18.86 12.35 -14.30
N ILE C 288 18.81 13.45 -13.56
CA ILE C 288 18.84 13.41 -12.10
C ILE C 288 17.54 12.82 -11.53
N SER C 289 16.45 13.06 -12.26
CA SER C 289 15.15 12.49 -11.92
C SER C 289 15.20 10.96 -11.97
N SER C 290 15.78 10.42 -13.04
CA SER C 290 16.01 8.96 -13.13
C SER C 290 16.88 8.48 -11.97
N GLY C 291 17.90 9.26 -11.61
CA GLY C 291 18.72 8.95 -10.45
C GLY C 291 17.88 8.85 -9.18
N ALA C 292 17.09 9.89 -8.91
CA ALA C 292 16.22 9.90 -7.72
C ALA C 292 15.30 8.70 -7.69
N ASN C 293 14.68 8.38 -8.84
CA ASN C 293 13.76 7.24 -8.92
C ASN C 293 14.44 5.93 -8.56
N THR C 294 15.70 5.81 -8.96
CA THR C 294 16.45 4.58 -8.74
C THR C 294 16.96 4.46 -7.29
N VAL C 295 17.33 5.58 -6.69
CA VAL C 295 17.61 5.55 -5.26
C VAL C 295 16.41 5.03 -4.48
N ALA C 296 15.22 5.52 -4.83
CA ALA C 296 14.02 5.17 -4.11
C ALA C 296 13.65 3.69 -4.32
N ALA C 297 13.83 3.18 -5.53
CA ALA C 297 13.55 1.77 -5.82
C ALA C 297 14.45 0.87 -4.99
N LEU C 298 15.74 1.21 -4.94
CA LEU C 298 16.70 0.49 -4.09
C LEU C 298 16.35 0.54 -2.62
N ARG C 299 15.86 1.69 -2.13
CA ARG C 299 15.47 1.81 -0.72
C ARG C 299 14.34 0.86 -0.38
N LEU C 300 13.37 0.74 -1.30
CA LEU C 300 12.25 -0.17 -1.08
C LEU C 300 12.73 -1.61 -1.03
N ALA C 301 13.73 -1.92 -1.84
CA ALA C 301 14.33 -3.27 -1.89
C ALA C 301 14.99 -3.70 -0.58
N GLN C 302 15.46 -2.75 0.23
CA GLN C 302 16.09 -3.14 1.48
C GLN C 302 15.08 -3.61 2.54
N LEU C 303 13.83 -3.17 2.44
CA LEU C 303 12.76 -3.63 3.34
C LEU C 303 12.36 -5.09 3.11
N PRO C 304 12.14 -5.83 4.20
CA PRO C 304 11.88 -7.28 4.24
C PRO C 304 10.63 -7.70 3.46
N GLU C 305 9.57 -6.91 3.57
CA GLU C 305 8.33 -7.23 2.85
C GLU C 305 8.47 -7.09 1.32
N ASN C 306 9.55 -6.47 0.86
CA ASN C 306 9.73 -6.29 -0.58
C ASN C 306 10.72 -7.24 -1.24
N LYS C 307 11.43 -8.04 -0.45
CA LYS C 307 12.33 -9.06 -0.99
C LYS C 307 11.58 -9.96 -1.98
N GLY C 308 12.26 -10.36 -3.05
CA GLY C 308 11.67 -11.18 -4.11
C GLY C 308 10.59 -10.52 -4.96
N LYS C 309 10.37 -9.22 -4.76
CA LYS C 309 9.28 -8.55 -5.45
C LYS C 309 9.79 -7.84 -6.71
N LEU C 310 8.90 -7.61 -7.66
CA LEU C 310 9.26 -6.90 -8.87
C LEU C 310 8.94 -5.41 -8.70
N ILE C 311 10.00 -4.63 -8.58
CA ILE C 311 9.88 -3.19 -8.50
C ILE C 311 10.06 -2.56 -9.90
N VAL C 312 9.12 -1.71 -10.29
CA VAL C 312 9.25 -1.00 -11.55
C VAL C 312 9.32 0.49 -11.31
N THR C 313 10.26 1.15 -11.97
CA THR C 313 10.30 2.60 -11.92
C THR C 313 10.58 3.14 -13.33
N VAL C 314 10.82 4.45 -13.43
CA VAL C 314 10.92 5.09 -14.73
C VAL C 314 12.19 5.93 -14.81
N HIS C 315 12.85 5.89 -15.96
CA HIS C 315 13.87 6.88 -16.28
C HIS C 315 13.25 7.86 -17.27
N PRO C 316 12.75 9.00 -16.78
CA PRO C 316 11.91 9.89 -17.60
C PRO C 316 12.62 10.58 -18.77
N SER C 317 13.94 10.63 -18.81
CA SER C 317 14.60 11.32 -19.92
C SER C 317 16.06 10.95 -20.11
N PHE C 318 16.58 11.33 -21.28
CA PHE C 318 17.96 11.08 -21.68
C PHE C 318 18.85 12.13 -21.03
N GLY C 319 20.00 11.70 -20.51
CA GLY C 319 20.84 12.56 -19.67
C GLY C 319 21.66 13.62 -20.39
N GLU C 320 21.92 13.42 -21.68
CA GLU C 320 22.72 14.35 -22.48
C GLU C 320 22.09 15.76 -22.52
N ARG C 321 20.78 15.84 -22.36
CA ARG C 321 20.07 17.11 -22.29
C ARG C 321 20.57 17.98 -21.12
N TYR C 322 21.19 17.35 -20.13
CA TYR C 322 21.57 18.05 -18.93
C TYR C 322 23.05 18.36 -18.88
N LEU C 323 23.72 18.37 -20.04
CA LEU C 323 25.16 18.63 -20.08
C LEU C 323 25.60 19.88 -19.32
N SER C 324 24.73 20.88 -19.22
CA SER C 324 25.07 22.12 -18.51
C SER C 324 24.77 22.12 -17.00
N SER C 325 24.09 21.09 -16.53
CA SER C 325 23.64 21.03 -15.14
C SER C 325 24.72 20.50 -14.19
N VAL C 326 24.37 20.40 -12.92
CA VAL C 326 25.30 19.90 -11.91
C VAL C 326 25.60 18.40 -12.10
N LEU C 327 24.76 17.73 -12.87
CA LEU C 327 25.00 16.33 -13.19
C LEU C 327 26.39 16.12 -13.80
N PHE C 328 26.81 17.04 -14.65
CA PHE C 328 28.07 16.90 -15.39
C PHE C 328 29.18 17.82 -14.92
N GLN C 329 28.89 18.65 -13.93
CA GLN C 329 29.83 19.69 -13.49
C GLN C 329 31.24 19.17 -13.28
N GLU C 330 31.40 18.06 -12.56
CA GLU C 330 32.70 17.47 -12.36
C GLU C 330 33.40 17.01 -13.64
N LEU C 331 32.68 16.33 -14.52
CA LEU C 331 33.28 15.90 -15.77
C LEU C 331 33.65 17.10 -16.65
N ARG C 332 32.85 18.16 -16.56
CA ARG C 332 33.10 19.37 -17.33
C ARG C 332 34.41 20.01 -16.91
N GLN C 333 34.69 20.00 -15.61
CA GLN C 333 35.90 20.67 -15.16
C GLN C 333 37.12 19.76 -15.20
N GLU C 334 36.90 18.46 -15.32
CA GLU C 334 38.01 17.53 -15.57
C GLU C 334 38.45 17.64 -17.02
N ALA C 335 37.49 17.90 -17.91
CA ALA C 335 37.79 18.02 -19.33
C ALA C 335 38.38 19.37 -19.71
N GLU C 336 37.96 20.42 -19.02
CA GLU C 336 38.56 21.74 -19.23
C GLU C 336 40.06 21.69 -18.92
N ASN C 337 40.45 20.83 -17.99
CA ASN C 337 41.82 20.75 -17.53
C ASN C 337 42.67 19.60 -18.11
N MET C 338 42.14 18.90 -19.10
CA MET C 338 42.92 17.89 -19.79
C MET C 338 43.86 18.54 -20.80
N GLN C 339 45.15 18.25 -20.66
CA GLN C 339 46.14 18.80 -21.56
C GLN C 339 46.58 17.75 -22.59
N PRO C 340 46.89 18.18 -23.81
CA PRO C 340 47.32 17.25 -24.86
C PRO C 340 48.66 16.60 -24.54
N VAL C 341 48.91 15.44 -25.14
CA VAL C 341 50.18 14.74 -24.96
C VAL C 341 50.94 14.67 -26.27
N ALA C 342 52.25 14.46 -26.19
CA ALA C 342 53.10 14.41 -27.38
C ALA C 342 52.94 13.10 -28.14
N VAL C 343 53.28 13.13 -29.43
CA VAL C 343 53.30 11.91 -30.25
C VAL C 343 54.61 11.84 -31.06
N SER D 22 9.00 -15.32 -20.27
CA SER D 22 8.03 -15.02 -19.21
C SER D 22 7.42 -13.61 -19.29
N THR D 23 8.28 -12.61 -19.52
CA THR D 23 7.83 -11.23 -19.63
C THR D 23 8.49 -10.53 -20.82
N ASN D 24 8.06 -9.30 -21.09
CA ASN D 24 8.69 -8.47 -22.10
C ASN D 24 9.77 -7.56 -21.52
N ILE D 25 10.31 -7.92 -20.37
CA ILE D 25 11.38 -7.13 -19.79
C ILE D 25 12.69 -7.63 -20.34
N LYS D 26 13.48 -6.70 -20.88
CA LYS D 26 14.79 -7.04 -21.45
C LYS D 26 15.85 -7.23 -20.38
N LYS D 27 16.74 -8.20 -20.63
CA LYS D 27 17.78 -8.58 -19.66
C LYS D 27 18.89 -7.56 -19.65
N HIS D 28 19.16 -6.98 -20.81
CA HIS D 28 20.30 -6.09 -20.99
C HIS D 28 19.91 -4.87 -21.80
N VAL D 29 20.60 -3.77 -21.53
CA VAL D 29 20.44 -2.52 -22.24
C VAL D 29 20.77 -2.65 -23.73
N SER D 30 21.68 -3.56 -24.04
CA SER D 30 22.09 -3.77 -25.43
C SER D 30 20.95 -4.31 -26.26
N GLN D 31 19.94 -4.86 -25.58
CA GLN D 31 18.73 -5.35 -26.29
C GLN D 31 17.84 -4.23 -26.78
N LEU D 32 18.11 -3.00 -26.33
CA LEU D 32 17.39 -1.82 -26.81
C LEU D 32 17.94 -1.31 -28.14
N ILE D 33 19.05 -1.87 -28.59
CA ILE D 33 19.60 -1.52 -29.89
C ILE D 33 18.85 -2.21 -31.03
N GLY D 34 18.72 -1.51 -32.16
CA GLY D 34 18.08 -2.06 -33.35
C GLY D 34 16.58 -1.85 -33.45
N ARG D 35 16.01 -2.35 -34.56
CA ARG D 35 14.56 -2.33 -34.76
C ARG D 35 14.02 -0.91 -34.63
N THR D 36 14.64 0.00 -35.34
CA THR D 36 14.21 1.38 -35.31
C THR D 36 13.13 1.56 -36.36
N PRO D 37 12.16 2.44 -36.11
CA PRO D 37 11.00 2.56 -36.98
C PRO D 37 11.26 3.39 -38.26
N LEU D 38 10.38 3.25 -39.25
CA LEU D 38 10.36 4.07 -40.46
C LEU D 38 9.19 5.03 -40.42
N VAL D 39 9.40 6.25 -40.89
CA VAL D 39 8.32 7.22 -40.95
C VAL D 39 8.31 8.03 -42.28
N TYR D 40 7.13 8.34 -42.81
CA TYR D 40 7.04 9.11 -44.05
C TYR D 40 7.28 10.59 -43.83
N LEU D 41 7.94 11.21 -44.82
CA LEU D 41 7.97 12.65 -44.89
C LEU D 41 6.76 13.15 -45.66
N ASN D 42 6.11 14.19 -45.13
CA ASN D 42 4.86 14.70 -45.68
C ASN D 42 4.95 16.10 -46.28
N LYS D 43 5.49 17.04 -45.49
CA LYS D 43 5.45 18.45 -45.83
C LYS D 43 6.62 18.91 -46.70
N VAL D 44 7.81 18.35 -46.48
CA VAL D 44 8.97 18.74 -47.26
C VAL D 44 9.01 18.01 -48.60
N THR D 45 8.16 17.00 -48.77
CA THR D 45 8.13 16.27 -50.02
C THR D 45 7.03 16.79 -50.92
N GLU D 46 6.37 17.87 -50.50
CA GLU D 46 5.25 18.39 -51.25
C GLU D 46 5.67 18.81 -52.66
N GLY D 47 5.03 18.21 -53.65
CA GLY D 47 5.36 18.44 -55.04
C GLY D 47 6.50 17.58 -55.55
N CYS D 48 6.45 16.28 -55.28
CA CYS D 48 7.39 15.36 -55.91
C CYS D 48 6.82 13.96 -56.16
N GLY D 49 7.43 13.25 -57.09
CA GLY D 49 6.90 12.00 -57.60
C GLY D 49 6.80 10.90 -56.57
N ALA D 50 7.92 10.59 -55.92
CA ALA D 50 8.03 9.39 -55.08
C ALA D 50 7.72 9.63 -53.62
N TYR D 51 7.49 8.54 -52.90
CA TYR D 51 7.34 8.61 -51.45
C TYR D 51 8.69 8.53 -50.76
N VAL D 52 8.88 9.32 -49.70
CA VAL D 52 10.13 9.27 -48.93
C VAL D 52 9.90 8.83 -47.48
N ALA D 53 10.53 7.71 -47.13
CA ALA D 53 10.49 7.20 -45.76
C ALA D 53 11.88 7.33 -45.11
N VAL D 54 11.91 7.76 -43.85
CA VAL D 54 13.17 7.89 -43.11
C VAL D 54 13.24 6.95 -41.89
N LYS D 55 14.38 6.27 -41.75
CA LYS D 55 14.64 5.39 -40.62
C LYS D 55 15.13 6.22 -39.44
N GLN D 56 14.43 6.14 -38.31
CA GLN D 56 14.72 7.00 -37.16
C GLN D 56 15.72 6.39 -36.16
N GLU D 57 17.01 6.63 -36.38
CA GLU D 57 18.05 6.08 -35.52
C GLU D 57 18.25 6.84 -34.20
N MET D 58 17.47 7.86 -33.96
CA MET D 58 17.49 8.57 -32.72
C MET D 58 16.99 7.67 -31.61
N MET D 59 16.23 6.66 -31.98
CA MET D 59 15.66 5.77 -30.99
C MET D 59 16.61 4.64 -30.66
N GLN D 60 17.71 4.93 -30.04
CA GLN D 60 18.67 3.94 -29.67
C GLN D 60 19.16 4.38 -28.36
N PRO D 61 19.76 3.47 -27.63
CA PRO D 61 20.36 3.83 -26.34
C PRO D 61 21.23 5.10 -26.31
N THR D 62 22.09 5.35 -27.30
CA THR D 62 22.88 6.59 -27.27
C THR D 62 22.43 7.57 -28.35
N ALA D 63 21.21 7.39 -28.85
CA ALA D 63 20.61 8.28 -29.84
C ALA D 63 21.39 8.44 -31.16
N SER D 64 22.10 7.40 -31.62
CA SER D 64 22.65 7.45 -32.96
C SER D 64 22.79 6.06 -33.51
N ILE D 65 23.09 5.98 -34.81
CA ILE D 65 23.23 4.72 -35.51
C ILE D 65 24.49 3.96 -35.03
N LYS D 66 25.42 4.70 -34.44
CA LYS D 66 26.67 4.12 -33.95
C LYS D 66 26.46 2.84 -33.14
N ASP D 67 25.48 2.87 -32.23
CA ASP D 67 25.22 1.72 -31.35
C ASP D 67 25.32 0.37 -32.04
N ARG D 68 24.95 0.30 -33.32
CA ARG D 68 24.97 -0.99 -34.01
C ARG D 68 26.41 -1.47 -34.26
N PRO D 69 27.22 -0.66 -34.96
CA PRO D 69 28.61 -1.10 -35.20
C PRO D 69 29.42 -1.29 -33.89
N ALA D 70 29.20 -0.42 -32.93
CA ALA D 70 29.88 -0.53 -31.64
C ALA D 70 29.56 -1.87 -30.98
N TYR D 71 28.29 -2.22 -30.98
CA TYR D 71 27.89 -3.49 -30.41
C TYR D 71 28.53 -4.66 -31.18
N ALA D 72 28.35 -4.67 -32.50
CA ALA D 72 28.80 -5.76 -33.34
C ALA D 72 30.32 -5.99 -33.26
N MET D 73 31.09 -4.93 -33.35
CA MET D 73 32.53 -5.06 -33.32
C MET D 73 33.03 -5.63 -31.99
N ILE D 74 32.44 -5.18 -30.89
CA ILE D 74 32.88 -5.64 -29.59
C ILE D 74 32.46 -7.08 -29.38
N THR D 75 31.21 -7.38 -29.74
CA THR D 75 30.68 -8.71 -29.61
C THR D 75 31.39 -9.70 -30.52
N ASP D 76 31.75 -9.27 -31.73
CA ASP D 76 32.42 -10.16 -32.68
C ASP D 76 33.79 -10.58 -32.15
N ALA D 77 34.49 -9.63 -31.52
CA ALA D 77 35.83 -9.88 -30.96
C ALA D 77 35.76 -10.84 -29.78
N GLU D 78 34.68 -10.74 -29.00
CA GLU D 78 34.42 -11.67 -27.91
C GLU D 78 34.17 -13.09 -28.39
N GLU D 79 33.33 -13.25 -29.40
CA GLU D 79 33.02 -14.58 -29.92
C GLU D 79 34.24 -15.28 -30.52
N LYS D 80 35.16 -14.49 -31.08
CA LYS D 80 36.38 -15.03 -31.68
C LYS D 80 37.43 -15.23 -30.62
N ASN D 81 37.08 -15.01 -29.36
CA ASN D 81 38.02 -15.18 -28.25
C ASN D 81 39.27 -14.30 -28.42
N LEU D 82 39.08 -13.00 -28.56
CA LEU D 82 40.19 -12.06 -28.71
C LEU D 82 40.28 -11.17 -27.48
N ILE D 83 39.14 -10.86 -26.90
CA ILE D 83 39.08 -9.90 -25.82
C ILE D 83 38.34 -10.49 -24.64
N THR D 84 38.67 -10.03 -23.44
CA THR D 84 38.04 -10.49 -22.21
C THR D 84 37.81 -9.30 -21.30
N PRO D 85 36.58 -9.16 -20.81
CA PRO D 85 36.27 -8.06 -19.89
C PRO D 85 37.07 -8.18 -18.59
N GLY D 86 37.53 -7.05 -18.10
CA GLY D 86 38.35 -7.02 -16.93
C GLY D 86 39.79 -7.32 -17.24
N LYS D 87 40.06 -7.67 -18.52
CA LYS D 87 41.41 -7.99 -18.87
C LYS D 87 42.05 -7.00 -19.80
N THR D 88 41.44 -7.11 -20.98
CA THR D 88 41.61 -6.49 -22.25
C THR D 88 41.39 -5.01 -22.15
N THR D 89 42.35 -4.25 -22.66
CA THR D 89 42.17 -2.82 -22.83
C THR D 89 41.82 -2.55 -24.29
N LEU D 90 40.66 -1.95 -24.53
CA LEU D 90 40.27 -1.62 -25.90
C LEU D 90 40.73 -0.21 -26.23
N ILE D 91 41.27 -0.05 -27.43
CA ILE D 91 41.83 1.22 -27.86
C ILE D 91 41.23 1.58 -29.21
N GLU D 92 40.81 2.82 -29.37
CA GLU D 92 40.38 3.28 -30.70
C GLU D 92 40.69 4.74 -30.89
N PRO D 93 41.23 5.07 -32.06
CA PRO D 93 41.39 6.47 -32.45
C PRO D 93 40.07 7.00 -33.03
N THR D 94 39.17 7.48 -32.18
CA THR D 94 37.92 8.04 -32.68
C THR D 94 37.33 9.06 -31.71
N SER D 95 36.34 9.81 -32.20
CA SER D 95 35.56 10.71 -31.36
C SER D 95 34.21 10.76 -32.05
N GLY D 96 33.34 11.69 -31.63
CA GLY D 96 32.04 11.81 -32.26
C GLY D 96 31.18 10.63 -31.83
N ASN D 97 30.21 10.27 -32.68
CA ASN D 97 29.20 9.29 -32.28
C ASN D 97 29.73 7.89 -32.01
N MET D 98 30.73 7.49 -32.80
CA MET D 98 31.36 6.20 -32.63
C MET D 98 32.03 6.12 -31.26
N GLY D 99 32.72 7.20 -30.90
CA GLY D 99 33.40 7.26 -29.61
C GLY D 99 32.40 7.11 -28.47
N ILE D 100 31.33 7.90 -28.55
CA ILE D 100 30.23 7.80 -27.60
C ILE D 100 29.67 6.40 -27.53
N SER D 101 29.40 5.80 -28.69
CA SER D 101 28.83 4.45 -28.70
C SER D 101 29.79 3.40 -28.17
N MET D 102 31.05 3.52 -28.53
CA MET D 102 32.05 2.58 -28.02
C MET D 102 32.19 2.69 -26.50
N ALA D 103 32.11 3.90 -25.98
CA ALA D 103 32.33 4.09 -24.56
C ALA D 103 31.18 3.44 -23.84
N PHE D 104 29.98 3.62 -24.39
CA PHE D 104 28.77 3.02 -23.84
C PHE D 104 28.82 1.49 -23.84
N MET D 105 29.18 0.90 -24.98
CA MET D 105 29.39 -0.55 -25.04
C MET D 105 30.40 -1.06 -24.01
N ALA D 106 31.53 -0.38 -23.92
CA ALA D 106 32.57 -0.72 -22.95
C ALA D 106 32.10 -0.62 -21.48
N ALA D 107 31.33 0.40 -21.14
CA ALA D 107 30.77 0.49 -19.80
C ALA D 107 29.84 -0.71 -19.47
N MET D 108 28.94 -1.04 -20.40
CA MET D 108 28.00 -2.14 -20.23
C MET D 108 28.65 -3.49 -20.05
N LYS D 109 29.68 -3.75 -20.85
CA LYS D 109 30.32 -5.06 -20.87
C LYS D 109 31.52 -5.12 -19.95
N GLY D 110 31.83 -4.01 -19.28
CA GLY D 110 32.93 -3.97 -18.34
C GLY D 110 34.31 -4.10 -18.94
N TYR D 111 34.59 -3.30 -19.97
CA TYR D 111 35.93 -3.20 -20.57
C TYR D 111 36.54 -1.84 -20.27
N LYS D 112 37.86 -1.82 -20.07
CA LYS D 112 38.58 -0.57 -20.07
C LYS D 112 38.63 -0.08 -21.52
N MET D 113 38.31 1.20 -21.73
CA MET D 113 38.21 1.77 -23.08
C MET D 113 39.07 3.02 -23.18
N VAL D 114 40.03 3.01 -24.08
CA VAL D 114 40.91 4.16 -24.26
C VAL D 114 40.67 4.77 -25.63
N LEU D 115 40.17 6.00 -25.66
CA LEU D 115 39.93 6.71 -26.93
C LEU D 115 40.97 7.81 -27.11
N THR D 116 41.63 7.83 -28.27
CA THR D 116 42.55 8.91 -28.61
C THR D 116 41.87 9.87 -29.57
N MET D 117 42.07 11.17 -29.35
CA MET D 117 41.53 12.21 -30.21
C MET D 117 42.33 13.49 -30.10
N PRO D 118 42.30 14.31 -31.16
CA PRO D 118 43.01 15.60 -31.10
C PRO D 118 42.40 16.48 -30.00
N SER D 119 43.23 17.26 -29.34
CA SER D 119 42.74 18.15 -28.29
C SER D 119 41.69 19.17 -28.76
N TYR D 120 41.61 19.48 -30.05
CA TYR D 120 40.58 20.43 -30.51
C TYR D 120 39.18 19.85 -30.61
N THR D 121 39.04 18.56 -30.30
CA THR D 121 37.74 17.91 -30.33
C THR D 121 36.72 18.54 -29.38
N SER D 122 35.46 18.52 -29.82
CA SER D 122 34.31 19.03 -29.07
C SER D 122 34.30 18.63 -27.59
N LEU D 123 34.30 19.63 -26.71
CA LEU D 123 34.22 19.40 -25.27
C LEU D 123 32.93 18.64 -24.82
N GLU D 124 31.82 18.88 -25.50
CA GLU D 124 30.58 18.17 -25.19
C GLU D 124 30.68 16.66 -25.50
N ARG D 125 31.35 16.28 -26.60
CA ARG D 125 31.55 14.87 -26.92
C ARG D 125 32.41 14.20 -25.88
N ARG D 126 33.48 14.90 -25.51
CA ARG D 126 34.43 14.44 -24.50
C ARG D 126 33.78 14.24 -23.12
N VAL D 127 32.95 15.18 -22.69
CA VAL D 127 32.21 15.02 -21.45
C VAL D 127 31.32 13.77 -21.55
N THR D 128 30.59 13.63 -22.65
CA THR D 128 29.74 12.47 -22.87
C THR D 128 30.48 11.12 -22.88
N MET D 129 31.64 11.03 -23.52
CA MET D 129 32.36 9.77 -23.56
C MET D 129 32.86 9.44 -22.17
N ARG D 130 33.28 10.47 -21.46
CA ARG D 130 33.88 10.26 -20.16
C ARG D 130 32.81 9.91 -19.15
N ALA D 131 31.59 10.37 -19.37
CA ALA D 131 30.51 10.03 -18.46
C ALA D 131 30.26 8.53 -18.49
N PHE D 132 30.59 7.88 -19.62
CA PHE D 132 30.50 6.43 -19.68
C PHE D 132 31.74 5.75 -19.11
N GLY D 133 32.72 6.54 -18.67
CA GLY D 133 33.92 5.97 -18.07
C GLY D 133 35.09 5.71 -19.01
N ALA D 134 34.95 6.02 -20.30
CA ALA D 134 36.07 5.83 -21.21
C ALA D 134 37.25 6.70 -20.77
N GLU D 135 38.46 6.18 -20.90
CA GLU D 135 39.66 6.98 -20.68
C GLU D 135 40.02 7.72 -21.97
N LEU D 136 40.15 9.04 -21.90
CA LEU D 136 40.45 9.90 -23.04
C LEU D 136 41.90 10.37 -23.07
N ILE D 137 42.55 10.17 -24.21
CA ILE D 137 43.87 10.71 -24.45
C ILE D 137 43.80 11.75 -25.55
N LEU D 138 44.08 13.00 -25.20
CA LEU D 138 44.03 14.10 -26.16
C LEU D 138 45.41 14.28 -26.77
N THR D 139 45.53 14.20 -28.09
CA THR D 139 46.85 14.29 -28.73
C THR D 139 47.15 15.70 -29.22
N ASP D 140 48.43 16.00 -29.36
CA ASP D 140 48.92 17.29 -29.83
C ASP D 140 48.07 17.82 -30.99
N PRO D 141 47.46 19.00 -30.83
CA PRO D 141 46.58 19.48 -31.89
C PRO D 141 47.30 19.78 -33.21
N ALA D 142 48.61 20.00 -33.16
CA ALA D 142 49.35 20.28 -34.37
C ALA D 142 49.59 19.03 -35.24
N LYS D 143 49.35 17.85 -34.67
CA LYS D 143 49.59 16.62 -35.42
C LYS D 143 48.31 16.07 -36.05
N GLY D 144 47.17 16.71 -35.75
CA GLY D 144 45.89 16.30 -36.32
C GLY D 144 45.49 14.86 -36.06
N MET D 145 44.74 14.26 -37.00
CA MET D 145 44.32 12.88 -36.90
C MET D 145 45.50 11.90 -37.01
N GLY D 146 46.47 12.21 -37.85
CA GLY D 146 47.65 11.38 -37.97
C GLY D 146 48.29 11.17 -36.61
N GLY D 147 48.25 12.21 -35.78
CA GLY D 147 48.80 12.12 -34.44
C GLY D 147 48.06 11.09 -33.61
N THR D 148 46.74 11.19 -33.54
CA THR D 148 45.94 10.31 -32.70
C THR D 148 46.00 8.85 -33.14
N VAL D 149 46.05 8.60 -34.45
CA VAL D 149 46.16 7.24 -34.96
C VAL D 149 47.51 6.63 -34.55
N LYS D 150 48.56 7.42 -34.68
CA LYS D 150 49.90 7.00 -34.29
C LYS D 150 49.98 6.73 -32.80
N LYS D 151 49.35 7.59 -32.00
CA LYS D 151 49.33 7.44 -30.54
C LYS D 151 48.62 6.16 -30.13
N ALA D 152 47.48 5.91 -30.76
CA ALA D 152 46.73 4.71 -30.54
C ALA D 152 47.58 3.46 -30.87
N TYR D 153 48.31 3.48 -31.98
CA TYR D 153 49.22 2.34 -32.27
C TYR D 153 50.34 2.24 -31.24
N GLU D 154 50.95 3.35 -30.85
CA GLU D 154 51.94 3.33 -29.77
C GLU D 154 51.35 2.66 -28.52
N LEU D 155 50.14 3.05 -28.12
CA LEU D 155 49.51 2.48 -26.95
C LEU D 155 49.21 0.98 -27.12
N LEU D 156 48.77 0.62 -28.31
CA LEU D 156 48.48 -0.78 -28.60
C LEU D 156 49.73 -1.62 -28.37
N GLU D 157 50.90 -1.11 -28.77
CA GLU D 157 52.16 -1.83 -28.66
C GLU D 157 52.75 -1.90 -27.24
N ASN D 158 52.50 -0.88 -26.42
CA ASN D 158 53.09 -0.84 -25.09
C ASN D 158 52.11 -1.23 -24.00
N THR D 159 50.95 -1.76 -24.38
CA THR D 159 49.99 -2.20 -23.39
C THR D 159 49.74 -3.71 -23.47
N PRO D 160 50.01 -4.42 -22.37
CA PRO D 160 50.00 -5.89 -22.23
C PRO D 160 48.79 -6.64 -22.82
N ASN D 161 47.56 -6.29 -22.47
CA ASN D 161 46.42 -7.02 -23.05
C ASN D 161 45.47 -6.10 -23.81
N ALA D 162 45.92 -5.65 -24.97
CA ALA D 162 45.26 -4.59 -25.68
C ALA D 162 44.72 -5.06 -27.03
N HIS D 163 43.69 -4.39 -27.49
CA HIS D 163 43.09 -4.73 -28.76
C HIS D 163 42.50 -3.47 -29.35
N MET D 164 42.77 -3.25 -30.63
CA MET D 164 42.17 -2.16 -31.37
C MET D 164 41.00 -2.66 -32.23
N LEU D 165 39.92 -1.90 -32.29
CA LEU D 165 38.72 -2.32 -33.02
C LEU D 165 38.75 -2.01 -34.52
N GLN D 166 39.35 -0.87 -34.87
CA GLN D 166 39.56 -0.46 -36.27
C GLN D 166 38.28 -0.35 -37.12
N GLN D 167 37.45 0.63 -36.79
CA GLN D 167 36.15 0.76 -37.41
C GLN D 167 36.15 0.88 -38.94
N PHE D 168 37.22 1.39 -39.55
CA PHE D 168 37.26 1.58 -41.02
C PHE D 168 37.66 0.34 -41.79
N SER D 169 38.21 -0.65 -41.10
CA SER D 169 38.60 -1.88 -41.76
C SER D 169 37.96 -3.12 -41.15
N ASN D 170 37.23 -2.94 -40.04
CA ASN D 170 36.59 -4.07 -39.37
C ASN D 170 35.26 -4.48 -40.05
N PRO D 171 35.24 -5.66 -40.67
CA PRO D 171 34.12 -6.16 -41.48
C PRO D 171 32.84 -6.35 -40.68
N ALA D 172 32.95 -6.44 -39.35
CA ALA D 172 31.77 -6.57 -38.51
C ALA D 172 30.95 -5.26 -38.50
N ASN D 173 31.61 -4.16 -38.82
CA ASN D 173 30.92 -2.89 -39.05
C ASN D 173 29.89 -3.01 -40.19
N THR D 174 30.34 -3.46 -41.35
CA THR D 174 29.46 -3.76 -42.49
C THR D 174 28.41 -4.83 -42.15
N GLN D 175 28.89 -5.94 -41.62
CA GLN D 175 28.02 -7.05 -41.28
C GLN D 175 26.79 -6.67 -40.43
N VAL D 176 26.95 -5.86 -39.39
CA VAL D 176 25.80 -5.56 -38.53
C VAL D 176 24.69 -4.93 -39.36
N HIS D 177 25.05 -4.15 -40.38
CA HIS D 177 24.03 -3.49 -41.23
C HIS D 177 23.42 -4.46 -42.25
N PHE D 178 24.19 -5.46 -42.65
CA PHE D 178 23.70 -6.52 -43.54
C PHE D 178 22.77 -7.46 -42.81
N GLU D 179 22.89 -7.53 -41.50
CA GLU D 179 22.04 -8.40 -40.68
C GLU D 179 20.97 -7.60 -39.95
N THR D 180 21.29 -6.34 -39.63
CA THR D 180 20.35 -5.47 -38.92
C THR D 180 19.66 -4.51 -39.89
N THR D 181 20.03 -3.23 -39.82
CA THR D 181 19.44 -2.22 -40.68
C THR D 181 18.76 -2.84 -41.89
N GLY D 182 19.55 -3.49 -42.74
CA GLY D 182 19.03 -4.13 -43.94
C GLY D 182 17.65 -4.72 -43.72
N PRO D 183 17.60 -6.01 -43.44
CA PRO D 183 16.33 -6.71 -43.20
C PRO D 183 15.26 -5.76 -42.64
N GLU D 184 15.60 -5.08 -41.55
CA GLU D 184 14.66 -4.15 -40.92
C GLU D 184 13.96 -3.28 -41.97
N ILE D 185 14.74 -2.78 -42.92
CA ILE D 185 14.20 -1.93 -43.97
C ILE D 185 13.36 -2.73 -44.97
N TRP D 186 13.86 -3.90 -45.37
CA TRP D 186 13.17 -4.77 -46.31
C TRP D 186 11.84 -5.25 -45.75
N GLU D 187 11.82 -5.53 -44.46
CA GLU D 187 10.64 -6.02 -43.80
C GLU D 187 9.59 -4.93 -43.52
N ASP D 188 10.04 -3.74 -43.13
CA ASP D 188 9.10 -2.67 -42.81
C ASP D 188 8.46 -2.04 -44.06
N THR D 189 9.12 -2.15 -45.20
CA THR D 189 8.55 -1.66 -46.45
C THR D 189 7.97 -2.82 -47.25
N ASN D 190 7.99 -4.01 -46.68
CA ASN D 190 7.45 -5.20 -47.32
C ASN D 190 7.96 -5.44 -48.75
N GLY D 191 9.26 -5.33 -48.94
CA GLY D 191 9.90 -5.61 -50.22
C GLY D 191 9.73 -4.48 -51.23
N GLN D 192 9.01 -3.43 -50.84
CA GLN D 192 8.65 -2.39 -51.79
C GLN D 192 9.67 -1.27 -51.91
N VAL D 193 10.75 -1.34 -51.15
CA VAL D 193 11.77 -0.31 -51.24
C VAL D 193 12.40 -0.30 -52.63
N ASP D 194 12.40 0.86 -53.28
CA ASP D 194 12.94 0.97 -54.64
C ASP D 194 14.37 1.56 -54.70
N ILE D 195 14.65 2.51 -53.81
CA ILE D 195 15.93 3.20 -53.77
C ILE D 195 16.35 3.38 -52.31
N PHE D 196 17.62 3.13 -52.00
CA PHE D 196 18.16 3.46 -50.66
C PHE D 196 19.26 4.54 -50.74
N VAL D 197 19.20 5.53 -49.85
CA VAL D 197 20.16 6.64 -49.87
C VAL D 197 20.79 6.84 -48.50
N MET D 198 22.11 6.80 -48.42
CA MET D 198 22.76 6.95 -47.12
C MET D 198 24.10 7.69 -47.20
N GLY D 199 24.34 8.57 -46.22
CA GLY D 199 25.63 9.22 -46.08
C GLY D 199 26.76 8.24 -45.82
N ILE D 200 27.95 8.57 -46.29
CA ILE D 200 29.12 7.74 -46.07
C ILE D 200 30.11 8.34 -45.05
N GLY D 201 30.38 7.60 -43.98
CA GLY D 201 31.43 7.91 -43.02
C GLY D 201 32.47 6.81 -43.09
N SER D 202 32.24 5.74 -42.34
CA SER D 202 33.00 4.50 -42.51
C SER D 202 32.55 3.72 -43.74
N GLY D 203 31.33 3.97 -44.22
CA GLY D 203 30.79 3.21 -45.34
C GLY D 203 30.11 1.92 -44.92
N GLY D 204 30.12 1.63 -43.62
CA GLY D 204 29.47 0.44 -43.10
C GLY D 204 27.99 0.35 -43.44
N THR D 205 27.25 1.41 -43.16
CA THR D 205 25.81 1.35 -43.32
C THR D 205 25.38 1.12 -44.75
N VAL D 206 25.91 1.94 -45.66
CA VAL D 206 25.49 1.89 -47.05
C VAL D 206 25.98 0.61 -47.72
N SER D 207 27.11 0.08 -47.25
CA SER D 207 27.62 -1.16 -47.81
C SER D 207 26.78 -2.35 -47.40
N GLY D 208 26.55 -2.47 -46.09
CA GLY D 208 25.83 -3.60 -45.55
C GLY D 208 24.37 -3.64 -45.98
N VAL D 209 23.72 -2.47 -45.92
CA VAL D 209 22.33 -2.36 -46.33
C VAL D 209 22.19 -2.58 -47.84
N GLY D 210 23.12 -2.05 -48.61
CA GLY D 210 23.09 -2.16 -50.05
C GLY D 210 23.27 -3.61 -50.46
N GLN D 211 24.24 -4.28 -49.87
CA GLN D 211 24.45 -5.67 -50.19
C GLN D 211 23.21 -6.47 -49.82
N TYR D 212 22.68 -6.24 -48.62
CA TYR D 212 21.47 -6.98 -48.24
C TYR D 212 20.30 -6.75 -49.17
N LEU D 213 19.99 -5.48 -49.45
CA LEU D 213 18.85 -5.16 -50.31
C LEU D 213 19.02 -5.71 -51.73
N LYS D 214 20.24 -5.66 -52.26
CA LYS D 214 20.49 -6.17 -53.59
C LYS D 214 20.34 -7.70 -53.65
N SER D 215 20.55 -8.36 -52.52
CA SER D 215 20.41 -9.81 -52.46
C SER D 215 18.94 -10.20 -52.40
N LYS D 216 18.08 -9.21 -52.17
CA LYS D 216 16.64 -9.47 -52.07
C LYS D 216 15.89 -9.03 -53.33
N ASN D 217 16.37 -7.96 -53.95
CA ASN D 217 15.84 -7.48 -55.22
C ASN D 217 16.96 -6.76 -55.97
N PRO D 218 17.57 -7.45 -56.95
CA PRO D 218 18.78 -6.98 -57.65
C PRO D 218 18.61 -5.64 -58.36
N ASN D 219 17.38 -5.19 -58.54
CA ASN D 219 17.19 -3.91 -59.20
C ASN D 219 17.02 -2.69 -58.26
N VAL D 220 17.17 -2.91 -56.96
CA VAL D 220 17.19 -1.79 -56.02
C VAL D 220 18.45 -0.99 -56.31
N LYS D 221 18.33 0.33 -56.31
CA LYS D 221 19.49 1.21 -56.53
C LYS D 221 19.94 1.82 -55.20
N ILE D 222 21.25 1.80 -54.98
CA ILE D 222 21.82 2.32 -53.75
C ILE D 222 22.64 3.55 -54.06
N TYR D 223 22.39 4.64 -53.33
CA TYR D 223 23.17 5.86 -53.48
C TYR D 223 23.85 6.24 -52.19
N GLY D 224 25.05 6.77 -52.32
CA GLY D 224 25.76 7.32 -51.18
C GLY D 224 25.57 8.82 -51.20
N VAL D 225 26.02 9.49 -50.15
CA VAL D 225 25.99 10.94 -50.08
C VAL D 225 27.31 11.38 -49.46
N GLU D 226 27.91 12.44 -50.02
CA GLU D 226 29.08 13.03 -49.42
C GLU D 226 28.99 14.55 -49.52
N PRO D 227 29.77 15.28 -48.71
CA PRO D 227 29.69 16.73 -48.78
C PRO D 227 30.33 17.27 -50.05
N SER D 228 29.76 18.34 -50.61
CA SER D 228 30.39 19.04 -51.73
C SER D 228 31.80 19.49 -51.38
N GLU D 229 31.98 19.92 -50.15
CA GLU D 229 33.22 20.43 -49.61
C GLU D 229 34.32 19.42 -49.33
N SER D 230 34.01 18.13 -49.37
CA SER D 230 35.01 17.10 -49.17
C SER D 230 34.65 15.89 -49.99
N ASN D 231 34.63 16.02 -51.30
CA ASN D 231 34.11 14.95 -52.13
C ASN D 231 35.19 14.02 -52.62
N VAL D 232 35.87 13.36 -51.72
CA VAL D 232 36.92 12.42 -52.10
C VAL D 232 36.44 11.30 -53.03
N LEU D 233 35.22 10.81 -52.82
CA LEU D 233 34.71 9.68 -53.62
C LEU D 233 34.30 10.07 -55.05
N ASN D 234 34.16 11.36 -55.30
CA ASN D 234 33.96 11.86 -56.66
C ASN D 234 35.22 12.52 -57.21
N GLY D 235 36.37 12.20 -56.61
CA GLY D 235 37.63 12.68 -57.11
C GLY D 235 38.08 14.03 -56.60
N GLY D 236 37.28 14.66 -55.74
CA GLY D 236 37.64 15.95 -55.16
C GLY D 236 38.70 15.84 -54.07
N LYS D 237 39.10 16.98 -53.52
CA LYS D 237 40.06 17.00 -52.42
C LYS D 237 39.41 17.10 -51.05
N PRO D 238 40.09 16.58 -50.02
CA PRO D 238 39.66 16.68 -48.63
C PRO D 238 39.67 18.12 -48.15
N GLY D 239 38.66 18.51 -47.36
CA GLY D 239 38.59 19.85 -46.80
C GLY D 239 37.56 19.90 -45.68
N PRO D 240 37.66 20.90 -44.79
CA PRO D 240 36.66 20.92 -43.70
C PRO D 240 35.23 21.07 -44.22
N HIS D 241 34.28 20.56 -43.45
CA HIS D 241 32.86 20.68 -43.76
C HIS D 241 32.02 20.61 -42.48
N HIS D 242 30.70 20.68 -42.62
CA HIS D 242 29.84 20.71 -41.44
C HIS D 242 28.98 19.47 -41.26
N ILE D 243 29.10 18.52 -42.18
CA ILE D 243 28.22 17.36 -42.11
C ILE D 243 28.77 16.28 -41.15
N THR D 244 28.62 16.53 -39.85
CA THR D 244 29.16 15.68 -38.77
C THR D 244 28.77 14.21 -38.90
N GLY D 245 29.77 13.33 -38.85
CA GLY D 245 29.54 11.89 -38.98
C GLY D 245 29.84 11.40 -40.38
N ASN D 246 29.72 12.32 -41.32
CA ASN D 246 29.81 12.06 -42.74
C ASN D 246 31.12 12.63 -43.28
N GLY D 247 31.66 12.04 -44.35
CA GLY D 247 32.85 12.56 -45.05
C GLY D 247 34.16 12.65 -44.27
N VAL D 248 34.84 11.51 -44.11
CA VAL D 248 36.07 11.45 -43.30
C VAL D 248 37.36 11.84 -44.04
N GLY D 249 37.27 12.00 -45.36
CA GLY D 249 38.39 12.55 -46.13
C GLY D 249 39.24 11.52 -46.87
N PHE D 250 38.80 10.26 -46.85
CA PHE D 250 39.48 9.19 -47.58
C PHE D 250 38.47 8.10 -47.88
N LYS D 251 38.90 7.02 -48.55
CA LYS D 251 38.02 5.88 -48.78
C LYS D 251 38.27 4.79 -47.77
N PRO D 252 37.30 4.52 -46.89
CA PRO D 252 37.41 3.44 -45.90
C PRO D 252 37.43 2.07 -46.57
N ASP D 253 38.31 1.17 -46.10
CA ASP D 253 38.45 -0.15 -46.71
C ASP D 253 37.15 -0.95 -46.80
N ILE D 254 36.29 -0.83 -45.81
CA ILE D 254 35.07 -1.61 -45.82
C ILE D 254 34.07 -1.06 -46.81
N LEU D 255 34.26 0.18 -47.25
CA LEU D 255 33.32 0.78 -48.18
C LEU D 255 33.30 0.01 -49.50
N ASP D 256 32.10 -0.27 -49.99
CA ASP D 256 31.94 -1.05 -51.22
C ASP D 256 31.47 -0.14 -52.34
N LEU D 257 32.41 0.36 -53.13
CA LEU D 257 32.07 1.26 -54.23
C LEU D 257 31.10 0.57 -55.19
N ASP D 258 31.34 -0.71 -55.44
CA ASP D 258 30.63 -1.42 -56.51
C ASP D 258 29.13 -1.59 -56.31
N VAL D 259 28.63 -1.40 -55.08
CA VAL D 259 27.21 -1.62 -54.84
C VAL D 259 26.36 -0.38 -55.14
N MET D 260 27.04 0.76 -55.29
CA MET D 260 26.36 2.05 -55.46
C MET D 260 26.22 2.50 -56.92
N GLU D 261 25.04 2.98 -57.27
CA GLU D 261 24.87 3.67 -58.55
C GLU D 261 25.81 4.87 -58.65
N LYS D 262 25.88 5.65 -57.56
CA LYS D 262 26.52 6.95 -57.59
C LYS D 262 26.69 7.46 -56.16
N VAL D 263 27.62 8.40 -55.96
CA VAL D 263 27.71 9.11 -54.69
C VAL D 263 27.23 10.54 -54.91
N LEU D 264 26.03 10.84 -54.41
CA LEU D 264 25.47 12.18 -54.53
C LEU D 264 26.25 13.17 -53.69
N GLU D 265 26.26 14.42 -54.14
CA GLU D 265 26.93 15.48 -53.42
C GLU D 265 25.93 16.47 -52.83
N VAL D 266 26.14 16.85 -51.58
CA VAL D 266 25.31 17.84 -50.91
C VAL D 266 26.21 18.86 -50.21
N SER D 267 25.84 20.12 -50.30
CA SER D 267 26.61 21.15 -49.61
C SER D 267 26.21 21.19 -48.13
N SER D 268 27.12 21.66 -47.27
CA SER D 268 26.82 21.85 -45.86
C SER D 268 25.66 22.81 -45.66
N GLU D 269 25.60 23.83 -46.49
CA GLU D 269 24.52 24.82 -46.40
C GLU D 269 23.15 24.18 -46.62
N ASP D 270 22.99 23.47 -47.73
CA ASP D 270 21.75 22.75 -47.99
C ASP D 270 21.39 21.79 -46.84
N ALA D 271 22.37 21.02 -46.37
CA ALA D 271 22.15 20.04 -45.32
C ALA D 271 21.70 20.71 -44.03
N VAL D 272 22.36 21.81 -43.67
CA VAL D 272 21.99 22.55 -42.48
C VAL D 272 20.57 23.09 -42.61
N ASN D 273 20.28 23.72 -43.75
CA ASN D 273 18.97 24.30 -43.97
C ASN D 273 17.85 23.28 -43.89
N MET D 274 18.11 22.09 -44.43
CA MET D 274 17.13 21.00 -44.37
C MET D 274 16.90 20.49 -42.94
N ALA D 275 17.97 20.35 -42.16
CA ALA D 275 17.86 19.92 -40.78
C ALA D 275 16.89 20.84 -40.03
N ARG D 276 17.13 22.15 -40.15
CA ARG D 276 16.26 23.15 -39.51
C ARG D 276 14.79 22.99 -39.91
N VAL D 277 14.54 22.78 -41.20
CA VAL D 277 13.18 22.66 -41.73
C VAL D 277 12.50 21.36 -41.31
N LEU D 278 13.28 20.29 -41.17
CA LEU D 278 12.73 19.03 -40.69
C LEU D 278 12.17 19.17 -39.27
N ALA D 279 12.83 19.95 -38.45
CA ALA D 279 12.38 20.20 -37.09
C ALA D 279 11.08 20.97 -37.12
N LEU D 280 11.05 22.04 -37.90
CA LEU D 280 9.90 22.94 -37.98
C LEU D 280 8.66 22.32 -38.62
N LYS D 281 8.85 21.64 -39.75
CA LYS D 281 7.71 21.16 -40.53
C LYS D 281 7.32 19.71 -40.24
N GLU D 282 8.28 18.87 -39.91
CA GLU D 282 8.00 17.45 -39.72
C GLU D 282 8.06 17.00 -38.26
N GLY D 283 8.47 17.89 -37.37
CA GLY D 283 8.67 17.55 -35.98
C GLY D 283 9.83 16.57 -35.76
N LEU D 284 10.77 16.55 -36.70
CA LEU D 284 11.94 15.67 -36.61
C LEU D 284 13.21 16.46 -36.25
N MET D 285 13.62 16.43 -34.99
CA MET D 285 14.84 17.14 -34.60
C MET D 285 16.07 16.31 -34.87
N VAL D 286 16.71 16.53 -36.01
CA VAL D 286 17.81 15.67 -36.40
C VAL D 286 19.07 16.47 -36.70
N GLY D 287 20.18 15.78 -37.00
CA GLY D 287 21.44 16.44 -37.24
C GLY D 287 21.68 16.80 -38.70
N ILE D 288 22.78 17.49 -38.97
CA ILE D 288 23.12 17.89 -40.33
C ILE D 288 23.25 16.71 -41.29
N SER D 289 23.77 15.59 -40.79
CA SER D 289 23.88 14.39 -41.60
C SER D 289 22.47 13.97 -42.07
N SER D 290 21.49 14.02 -41.17
CA SER D 290 20.13 13.69 -41.54
C SER D 290 19.65 14.67 -42.60
N GLY D 291 19.98 15.95 -42.41
CA GLY D 291 19.67 16.97 -43.40
C GLY D 291 20.16 16.60 -44.79
N ALA D 292 21.43 16.23 -44.87
CA ALA D 292 22.07 15.92 -46.16
C ALA D 292 21.45 14.69 -46.83
N ASN D 293 21.14 13.66 -46.04
CA ASN D 293 20.44 12.49 -46.59
C ASN D 293 19.09 12.87 -47.19
N THR D 294 18.38 13.74 -46.47
CA THR D 294 17.05 14.14 -46.89
C THR D 294 17.16 15.01 -48.13
N VAL D 295 18.18 15.87 -48.21
CA VAL D 295 18.36 16.68 -49.41
C VAL D 295 18.58 15.81 -50.64
N ALA D 296 19.38 14.76 -50.46
CA ALA D 296 19.68 13.80 -51.52
C ALA D 296 18.42 13.02 -51.92
N ALA D 297 17.74 12.46 -50.93
CA ALA D 297 16.51 11.72 -51.15
C ALA D 297 15.51 12.55 -51.95
N LEU D 298 15.30 13.79 -51.51
CA LEU D 298 14.37 14.70 -52.17
C LEU D 298 14.77 14.99 -53.61
N ARG D 299 16.06 15.06 -53.90
CA ARG D 299 16.47 15.27 -55.29
C ARG D 299 16.07 14.08 -56.14
N LEU D 300 16.37 12.88 -55.65
CA LEU D 300 16.00 11.67 -56.36
C LEU D 300 14.49 11.60 -56.51
N ALA D 301 13.76 11.98 -55.46
CA ALA D 301 12.31 11.85 -55.45
C ALA D 301 11.62 12.77 -56.46
N GLN D 302 12.38 13.67 -57.07
CA GLN D 302 11.80 14.69 -57.93
C GLN D 302 12.09 14.37 -59.39
N LEU D 303 12.98 13.41 -59.61
CA LEU D 303 13.27 12.97 -60.97
C LEU D 303 12.06 12.24 -61.56
N PRO D 304 11.74 12.58 -62.82
CA PRO D 304 10.61 12.01 -63.55
C PRO D 304 10.59 10.48 -63.50
N GLU D 305 11.74 9.83 -63.70
CA GLU D 305 11.77 8.36 -63.72
C GLU D 305 11.52 7.68 -62.36
N ASN D 306 11.36 8.48 -61.30
CA ASN D 306 11.13 7.93 -59.97
C ASN D 306 9.71 8.13 -59.44
N LYS D 307 8.80 8.66 -60.27
CA LYS D 307 7.40 8.82 -59.87
C LYS D 307 6.80 7.50 -59.42
N GLY D 308 6.08 7.52 -58.30
CA GLY D 308 5.45 6.32 -57.77
C GLY D 308 6.36 5.43 -56.93
N LYS D 309 7.68 5.65 -57.00
CA LYS D 309 8.63 4.80 -56.28
C LYS D 309 8.78 5.13 -54.79
N LEU D 310 9.27 4.16 -54.03
CA LEU D 310 9.50 4.32 -52.59
C LEU D 310 10.98 4.51 -52.34
N ILE D 311 11.36 5.68 -51.84
CA ILE D 311 12.75 5.95 -51.48
C ILE D 311 12.93 5.91 -49.97
N VAL D 312 13.87 5.09 -49.51
CA VAL D 312 14.20 5.06 -48.08
C VAL D 312 15.58 5.64 -47.77
N THR D 313 15.62 6.55 -46.79
CA THR D 313 16.89 7.07 -46.29
C THR D 313 16.95 6.96 -44.77
N VAL D 314 18.04 7.46 -44.19
CA VAL D 314 18.30 7.29 -42.77
C VAL D 314 18.52 8.63 -42.07
N HIS D 315 17.95 8.80 -40.89
CA HIS D 315 18.30 9.93 -40.04
C HIS D 315 19.18 9.44 -38.89
N PRO D 316 20.50 9.54 -39.05
CA PRO D 316 21.38 8.73 -38.22
C PRO D 316 21.52 9.21 -36.78
N SER D 317 20.91 10.32 -36.38
CA SER D 317 21.01 10.69 -34.96
C SER D 317 20.10 11.84 -34.51
N PHE D 318 20.03 12.03 -33.20
CA PHE D 318 19.20 13.07 -32.62
C PHE D 318 19.89 14.43 -32.65
N GLY D 319 19.15 15.45 -33.09
CA GLY D 319 19.71 16.78 -33.29
C GLY D 319 20.19 17.52 -32.05
N GLU D 320 19.63 17.20 -30.89
CA GLU D 320 19.95 17.92 -29.66
C GLU D 320 21.43 17.79 -29.28
N ARG D 321 22.09 16.76 -29.80
CA ARG D 321 23.50 16.56 -29.58
C ARG D 321 24.36 17.68 -30.20
N TYR D 322 23.80 18.38 -31.19
CA TYR D 322 24.56 19.41 -31.91
C TYR D 322 24.21 20.85 -31.54
N LEU D 323 23.69 21.06 -30.33
CA LEU D 323 23.35 22.40 -29.83
C LEU D 323 24.46 23.44 -29.97
N SER D 324 25.71 23.03 -29.85
CA SER D 324 26.83 23.96 -29.96
C SER D 324 27.32 24.23 -31.39
N SER D 325 26.79 23.50 -32.37
CA SER D 325 27.27 23.60 -33.75
C SER D 325 26.50 24.62 -34.56
N VAL D 326 26.88 24.75 -35.83
CA VAL D 326 26.29 25.73 -36.73
C VAL D 326 24.79 25.49 -36.97
N LEU D 327 24.32 24.29 -36.64
CA LEU D 327 22.92 23.94 -36.81
C LEU D 327 21.98 24.86 -36.02
N PHE D 328 22.41 25.32 -34.85
CA PHE D 328 21.56 26.17 -34.01
C PHE D 328 22.12 27.58 -33.85
N GLN D 329 22.99 27.96 -34.78
CA GLN D 329 23.71 29.22 -34.73
C GLN D 329 22.79 30.44 -34.71
N GLU D 330 21.90 30.53 -35.69
CA GLU D 330 20.94 31.60 -35.72
C GLU D 330 20.16 31.64 -34.39
N LEU D 331 19.55 30.52 -34.01
CA LEU D 331 18.74 30.48 -32.81
C LEU D 331 19.53 30.77 -31.54
N ARG D 332 20.79 30.35 -31.48
CA ARG D 332 21.58 30.62 -30.30
C ARG D 332 21.82 32.13 -30.20
N GLN D 333 22.04 32.78 -31.34
CA GLN D 333 22.26 34.23 -31.38
C GLN D 333 20.99 34.97 -30.97
N GLU D 334 19.90 34.69 -31.69
CA GLU D 334 18.58 35.22 -31.35
C GLU D 334 18.35 35.18 -29.83
N ALA D 335 18.54 34.01 -29.23
CA ALA D 335 18.22 33.82 -27.81
C ALA D 335 19.23 34.45 -26.84
N GLU D 336 20.44 34.74 -27.31
CA GLU D 336 21.43 35.37 -26.45
C GLU D 336 21.14 36.86 -26.29
N ASN D 337 20.55 37.45 -27.33
CA ASN D 337 20.24 38.88 -27.32
C ASN D 337 18.85 39.22 -26.77
N MET D 338 17.94 38.26 -26.83
CA MET D 338 16.56 38.47 -26.42
C MET D 338 16.44 38.91 -24.96
#